data_3NEV
#
_entry.id   3NEV
#
_cell.length_a   141.860
_cell.length_b   155.130
_cell.length_c   55.710
_cell.angle_alpha   90.000
_cell.angle_beta   90.000
_cell.angle_gamma   90.000
#
_symmetry.space_group_name_H-M   'P 21 21 2'
#
loop_
_entity.id
_entity.type
_entity.pdbx_description
1 polymer 'Uncharacterized protein yagE'
2 non-polymer 1,2-ETHANEDIOL
3 non-polymer '3-DEOXY-D-LYXO-HEXONIC ACID'
4 water water
#
_entity_poly.entity_id   1
_entity_poly.type   'polypeptide(L)'
_entity_poly.pdbx_seq_one_letter_code
;ALFTGIIPPVSTIFTADGQLDKPGTAALIDDLIKAGVDGLFFLGSGGEFSQLGAEERKAIARFAIDHVDRRVPVLIGTGG
TNARETIELSQHAQQAGADGIVVINPYYWKVSEANLIRYFEQVADSVTLPVMLYNFPALTGQDLTPALVKTLADSRSNII
GIKDTIDSVAHLRSMIHTVKGAHPHFTVLCGYDDHLFNTLLLGGDGAISASGNFAPQVSVNLLKAWRDGDVAKAAGYHQT
LLQIPQMYQLDTPFVNVIKEAIVLCGRPVSTHVLPPASPLDEPRKAQLKTLLQQLKLC
;
_entity_poly.pdbx_strand_id   A,B,C,D
#
# COMPACT_ATOMS: atom_id res chain seq x y z
N ALA A 1 30.60 2.01 19.82
CA ALA A 1 29.67 1.62 18.80
C ALA A 1 30.15 0.35 18.09
N LEU A 2 29.24 -0.62 18.03
CA LEU A 2 29.60 -1.96 17.64
C LEU A 2 29.21 -2.18 16.19
N PHE A 3 29.99 -2.99 15.45
CA PHE A 3 29.60 -3.36 14.10
C PHE A 3 29.36 -2.18 13.16
N THR A 4 30.34 -1.26 13.09
CA THR A 4 30.21 -0.07 12.23
C THR A 4 31.03 -0.31 11.01
N GLY A 5 30.92 0.54 10.00
CA GLY A 5 31.71 0.31 8.80
C GLY A 5 31.02 -0.55 7.75
N ILE A 6 31.80 -1.23 6.93
CA ILE A 6 31.36 -1.98 5.79
C ILE A 6 31.34 -3.45 6.17
N ILE A 7 30.14 -4.03 6.21
CA ILE A 7 29.94 -5.39 6.66
C ILE A 7 29.09 -6.12 5.65
N PRO A 8 29.73 -6.82 4.67
CA PRO A 8 28.92 -7.44 3.61
C PRO A 8 27.94 -8.51 4.11
N PRO A 9 26.73 -8.60 3.49
CA PRO A 9 25.91 -9.77 3.70
C PRO A 9 26.43 -10.82 2.74
N VAL A 10 27.24 -11.72 3.25
CA VAL A 10 27.96 -12.69 2.42
C VAL A 10 26.99 -13.70 1.78
N SER A 11 27.16 -13.88 0.48
CA SER A 11 26.49 -14.95 -0.24
C SER A 11 26.92 -16.30 0.28
N THR A 12 25.98 -17.26 0.35
CA THR A 12 26.35 -18.61 0.73
C THR A 12 26.60 -19.35 -0.61
N ILE A 13 27.78 -19.95 -0.77
CA ILE A 13 28.06 -20.67 -2.04
C ILE A 13 27.64 -22.14 -1.89
N PHE A 14 26.87 -22.64 -2.85
CA PHE A 14 26.35 -23.99 -2.82
C PHE A 14 26.85 -24.80 -4.03
N THR A 15 26.92 -26.10 -3.85
CA THR A 15 27.25 -27.01 -4.96
C THR A 15 25.97 -27.26 -5.73
N ALA A 16 26.04 -27.98 -6.84
CA ALA A 16 24.87 -28.20 -7.70
C ALA A 16 23.77 -28.92 -6.98
N ASP A 17 24.12 -29.70 -5.98
CA ASP A 17 23.07 -30.40 -5.23
C ASP A 17 22.53 -29.54 -4.06
N GLY A 18 22.89 -28.27 -4.01
CA GLY A 18 22.40 -27.40 -2.91
C GLY A 18 23.06 -27.62 -1.53
N GLN A 19 24.27 -28.18 -1.48
CA GLN A 19 24.95 -28.29 -0.20
C GLN A 19 25.96 -27.20 -0.13
N LEU A 20 26.29 -26.79 1.08
CA LEU A 20 27.34 -25.81 1.29
C LEU A 20 28.63 -26.16 0.54
N ASP A 21 29.11 -25.22 -0.29
CA ASP A 21 30.35 -25.35 -1.03
C ASP A 21 31.39 -24.68 -0.17
N LYS A 22 32.17 -25.50 0.55
CA LYS A 22 33.17 -24.97 1.50
C LYS A 22 34.35 -24.27 0.85
N PRO A 23 34.99 -24.88 -0.16
CA PRO A 23 36.08 -24.09 -0.76
C PRO A 23 35.58 -22.76 -1.36
N GLY A 24 34.45 -22.76 -2.07
CA GLY A 24 33.98 -21.46 -2.63
C GLY A 24 33.56 -20.41 -1.58
N THR A 25 32.91 -20.83 -0.49
CA THR A 25 32.50 -19.85 0.54
C THR A 25 33.76 -19.30 1.21
N ALA A 26 34.75 -20.18 1.40
CA ALA A 26 35.99 -19.79 2.10
C ALA A 26 36.77 -18.77 1.25
N ALA A 27 36.91 -19.07 -0.04
CA ALA A 27 37.57 -18.17 -0.97
C ALA A 27 36.87 -16.77 -0.94
N LEU A 28 35.52 -16.76 -0.95
CA LEU A 28 34.77 -15.55 -0.89
C LEU A 28 35.02 -14.78 0.41
N ILE A 29 34.95 -15.45 1.54
CA ILE A 29 35.27 -14.82 2.83
C ILE A 29 36.65 -14.17 2.80
N ASP A 30 37.62 -14.92 2.24
CA ASP A 30 39.04 -14.47 2.27
C ASP A 30 39.22 -13.22 1.42
N ASP A 31 38.66 -13.24 0.21
CA ASP A 31 38.62 -12.05 -0.69
C ASP A 31 38.07 -10.86 0.09
N LEU A 32 36.95 -11.06 0.76
CA LEU A 32 36.29 -9.94 1.45
C LEU A 32 37.16 -9.37 2.56
N ILE A 33 37.77 -10.25 3.38
CA ILE A 33 38.65 -9.82 4.48
C ILE A 33 39.89 -9.09 3.92
N LYS A 34 40.49 -9.64 2.87
CA LYS A 34 41.61 -8.94 2.15
C LYS A 34 41.23 -7.58 1.61
N ALA A 35 39.97 -7.41 1.20
CA ALA A 35 39.47 -6.12 0.71
C ALA A 35 39.32 -5.09 1.83
N GLY A 36 39.43 -5.51 3.08
CA GLY A 36 39.42 -4.49 4.18
C GLY A 36 38.06 -4.23 4.83
N VAL A 37 37.08 -5.10 4.60
CA VAL A 37 35.78 -4.95 5.29
C VAL A 37 35.96 -4.96 6.82
N ASP A 38 34.96 -4.39 7.51
CA ASP A 38 34.99 -4.27 8.97
C ASP A 38 34.30 -5.43 9.74
N GLY A 39 33.68 -6.34 9.02
CA GLY A 39 32.91 -7.40 9.69
C GLY A 39 32.30 -8.25 8.59
N LEU A 40 31.82 -9.45 8.93
CA LEU A 40 31.08 -10.24 7.94
C LEU A 40 29.74 -10.71 8.50
N PHE A 41 28.71 -10.73 7.65
CA PHE A 41 27.37 -11.07 8.09
C PHE A 41 26.88 -12.23 7.24
N PHE A 42 26.65 -13.37 7.90
CA PHE A 42 26.27 -14.60 7.21
C PHE A 42 24.81 -14.85 7.44
N LEU A 43 24.14 -15.52 6.50
CA LEU A 43 22.70 -15.85 6.58
C LEU A 43 21.76 -14.60 6.82
N GLY A 44 22.08 -13.49 6.17
CA GLY A 44 21.09 -12.44 5.83
C GLY A 44 20.27 -12.83 4.61
N SER A 45 19.48 -11.88 4.07
CA SER A 45 18.64 -12.19 2.89
C SER A 45 19.51 -12.63 1.74
N GLY A 46 20.63 -11.93 1.51
CA GLY A 46 21.59 -12.33 0.41
C GLY A 46 22.19 -13.73 0.63
N GLY A 47 22.27 -14.14 1.89
CA GLY A 47 22.91 -15.44 2.25
C GLY A 47 21.83 -16.52 2.18
N GLU A 48 20.59 -16.16 1.76
CA GLU A 48 19.49 -17.13 1.56
C GLU A 48 18.94 -17.82 2.80
N PHE A 49 18.92 -17.14 3.99
CA PHE A 49 18.46 -17.77 5.23
C PHE A 49 17.07 -18.40 5.08
N SER A 50 16.18 -17.70 4.36
CA SER A 50 14.78 -18.08 4.22
C SER A 50 14.53 -19.31 3.29
N GLN A 51 15.53 -19.70 2.53
CA GLN A 51 15.42 -20.95 1.77
C GLN A 51 16.17 -22.15 2.40
N LEU A 52 16.69 -21.96 3.61
CA LEU A 52 17.51 -23.00 4.29
C LEU A 52 16.83 -23.57 5.53
N GLY A 53 17.08 -24.85 5.83
CA GLY A 53 16.53 -25.47 7.04
C GLY A 53 17.35 -25.03 8.24
N ALA A 54 16.81 -25.17 9.44
CA ALA A 54 17.55 -24.82 10.68
C ALA A 54 18.90 -25.54 10.83
N GLU A 55 18.95 -26.85 10.57
CA GLU A 55 20.23 -27.62 10.68
C GLU A 55 21.25 -27.20 9.63
N GLU A 56 20.78 -26.94 8.39
CA GLU A 56 21.63 -26.32 7.39
C GLU A 56 22.12 -25.01 7.87
N ARG A 57 21.26 -24.18 8.49
CA ARG A 57 21.78 -22.87 8.89
C ARG A 57 22.84 -23.03 9.98
N LYS A 58 22.60 -23.90 10.93
CA LYS A 58 23.62 -24.07 11.98
C LYS A 58 24.97 -24.49 11.36
N ALA A 59 24.92 -25.43 10.41
CA ALA A 59 26.16 -25.88 9.76
C ALA A 59 26.86 -24.73 9.03
N ILE A 60 26.07 -23.91 8.31
CA ILE A 60 26.66 -22.81 7.59
C ILE A 60 27.31 -21.86 8.58
N ALA A 61 26.61 -21.53 9.64
CA ALA A 61 27.17 -20.54 10.56
C ALA A 61 28.45 -21.08 11.17
N ARG A 62 28.40 -22.32 11.60
CA ARG A 62 29.58 -22.94 12.28
C ARG A 62 30.78 -22.88 11.33
N PHE A 63 30.61 -23.31 10.08
CA PHE A 63 31.68 -23.23 9.10
C PHE A 63 32.23 -21.83 8.92
N ALA A 64 31.31 -20.89 8.70
CA ALA A 64 31.71 -19.53 8.45
C ALA A 64 32.44 -18.93 9.62
N ILE A 65 31.93 -19.10 10.82
CA ILE A 65 32.63 -18.50 11.99
C ILE A 65 34.02 -19.16 12.11
N ASP A 66 34.04 -20.46 11.93
CA ASP A 66 35.34 -21.16 12.00
C ASP A 66 36.33 -20.69 10.98
N HIS A 67 35.91 -20.63 9.70
CA HIS A 67 36.82 -20.13 8.72
C HIS A 67 37.27 -18.72 8.97
N VAL A 68 36.34 -17.82 9.39
CA VAL A 68 36.75 -16.43 9.64
C VAL A 68 37.85 -16.33 10.71
N ASP A 69 37.75 -17.17 11.73
CA ASP A 69 38.81 -17.38 12.75
C ASP A 69 39.12 -16.09 13.47
N ARG A 70 38.08 -15.32 13.80
CA ARG A 70 38.23 -14.06 14.53
C ARG A 70 39.00 -12.92 13.82
N ARG A 71 39.27 -13.07 12.53
CA ARG A 71 39.99 -12.01 11.77
C ARG A 71 39.17 -10.73 11.66
N VAL A 72 37.84 -10.88 11.58
CA VAL A 72 36.95 -9.73 11.68
C VAL A 72 35.73 -10.18 12.49
N PRO A 73 35.01 -9.22 13.09
CA PRO A 73 33.73 -9.53 13.75
C PRO A 73 32.74 -10.20 12.78
N VAL A 74 32.02 -11.18 13.30
CA VAL A 74 31.13 -12.01 12.51
C VAL A 74 29.73 -11.86 13.09
N LEU A 75 28.74 -11.67 12.19
CA LEU A 75 27.32 -11.61 12.54
C LEU A 75 26.61 -12.77 11.95
N ILE A 76 25.62 -13.31 12.68
CA ILE A 76 24.85 -14.41 12.17
C ILE A 76 23.41 -13.99 12.14
N GLY A 77 22.75 -14.18 11.00
CA GLY A 77 21.31 -13.95 10.92
C GLY A 77 20.53 -15.13 11.46
N THR A 78 19.71 -14.90 12.50
CA THR A 78 19.04 -15.98 13.18
C THR A 78 17.54 -15.96 13.09
N GLY A 79 17.00 -14.98 12.37
CA GLY A 79 15.59 -14.69 12.34
C GLY A 79 14.81 -15.60 11.44
N GLY A 80 13.49 -15.42 11.54
CA GLY A 80 12.52 -16.29 10.92
C GLY A 80 11.16 -15.98 11.44
N THR A 81 10.23 -16.91 11.19
CA THR A 81 8.90 -16.85 11.76
C THR A 81 8.70 -17.69 13.03
N ASN A 82 9.50 -18.73 13.15
CA ASN A 82 9.41 -19.66 14.29
C ASN A 82 10.32 -19.10 15.42
N ALA A 83 9.71 -18.45 16.42
CA ALA A 83 10.48 -17.77 17.50
C ALA A 83 11.32 -18.75 18.30
N ARG A 84 10.76 -19.92 18.61
CA ARG A 84 11.55 -20.97 19.29
C ARG A 84 12.80 -21.28 18.46
N GLU A 85 12.66 -21.45 17.14
CA GLU A 85 13.86 -21.64 16.31
C GLU A 85 14.80 -20.46 16.31
N THR A 86 14.25 -19.24 16.35
CA THR A 86 15.15 -18.12 16.49
C THR A 86 16.09 -18.19 17.73
N ILE A 87 15.51 -18.56 18.87
CA ILE A 87 16.26 -18.66 20.10
C ILE A 87 17.30 -19.79 19.97
N GLU A 88 16.87 -20.93 19.47
CA GLU A 88 17.81 -22.03 19.19
C GLU A 88 19.02 -21.60 18.32
N LEU A 89 18.76 -20.91 17.19
CA LEU A 89 19.80 -20.53 16.26
C LEU A 89 20.70 -19.44 16.84
N SER A 90 20.09 -18.60 17.66
CA SER A 90 20.84 -17.53 18.29
C SER A 90 21.75 -18.11 19.36
N GLN A 91 21.20 -19.00 20.17
CA GLN A 91 22.03 -19.61 21.21
C GLN A 91 23.12 -20.46 20.54
N HIS A 92 22.76 -21.15 19.46
CA HIS A 92 23.78 -21.89 18.70
C HIS A 92 24.91 -20.96 18.22
N ALA A 93 24.55 -19.77 17.74
CA ALA A 93 25.54 -18.88 17.18
C ALA A 93 26.53 -18.44 18.25
N GLN A 94 25.96 -18.07 19.39
CA GLN A 94 26.80 -17.66 20.48
C GLN A 94 27.80 -18.81 20.81
N GLN A 95 27.30 -20.03 21.03
CA GLN A 95 28.16 -21.20 21.36
C GLN A 95 29.16 -21.52 20.23
N ALA A 96 28.81 -21.22 18.97
CA ALA A 96 29.74 -21.44 17.86
C ALA A 96 30.75 -20.33 17.72
N GLY A 97 30.65 -19.29 18.54
CA GLY A 97 31.70 -18.24 18.49
C GLY A 97 31.33 -16.95 17.74
N ALA A 98 30.09 -16.82 17.29
CA ALA A 98 29.70 -15.53 16.60
C ALA A 98 29.91 -14.30 17.51
N ASP A 99 30.09 -13.14 16.93
CA ASP A 99 30.22 -11.94 17.74
C ASP A 99 28.91 -11.22 17.96
N GLY A 100 27.92 -11.50 17.12
CA GLY A 100 26.59 -10.87 17.24
C GLY A 100 25.58 -11.63 16.42
N ILE A 101 24.30 -11.44 16.68
CA ILE A 101 23.22 -11.94 15.84
C ILE A 101 22.36 -10.77 15.21
N VAL A 102 21.70 -11.06 14.12
CA VAL A 102 20.98 -10.04 13.35
C VAL A 102 19.62 -10.64 13.22
N VAL A 103 18.58 -9.92 13.69
CA VAL A 103 17.26 -10.53 13.86
C VAL A 103 16.22 -9.65 13.19
N ILE A 104 15.55 -10.21 12.20
CA ILE A 104 14.53 -9.52 11.45
C ILE A 104 13.25 -9.71 12.22
N ASN A 105 12.27 -8.84 12.00
CA ASN A 105 10.94 -9.08 12.57
C ASN A 105 10.22 -10.26 11.88
N PRO A 106 9.34 -11.00 12.60
CA PRO A 106 8.60 -12.09 11.98
C PRO A 106 7.83 -11.58 10.78
N TYR A 107 7.90 -12.30 9.65
CA TYR A 107 7.41 -11.72 8.36
C TYR A 107 6.27 -12.50 7.77
N TYR A 108 5.72 -13.43 8.52
CA TYR A 108 4.45 -13.99 8.07
C TYR A 108 3.28 -13.15 8.69
N TRP A 109 2.81 -13.56 9.87
CA TRP A 109 2.04 -12.66 10.75
C TRP A 109 2.82 -11.38 10.99
N LYS A 110 2.14 -10.23 10.83
CA LYS A 110 2.70 -8.99 11.27
C LYS A 110 2.15 -8.90 12.71
N VAL A 111 2.93 -9.29 13.68
CA VAL A 111 2.36 -9.42 15.05
C VAL A 111 2.16 -8.03 15.65
N SER A 112 1.27 -7.94 16.63
CA SER A 112 0.90 -6.72 17.33
C SER A 112 2.15 -6.15 17.90
N GLU A 113 2.12 -4.84 18.18
CA GLU A 113 3.25 -4.17 18.75
C GLU A 113 3.72 -4.79 20.06
N ALA A 114 2.77 -5.21 20.90
CA ALA A 114 3.13 -5.83 22.20
C ALA A 114 3.82 -7.19 21.94
N ASN A 115 3.30 -8.01 20.99
CA ASN A 115 3.95 -9.32 20.71
C ASN A 115 5.34 -9.09 20.12
N LEU A 116 5.47 -7.97 19.42
CA LEU A 116 6.72 -7.76 18.71
C LEU A 116 7.85 -7.34 19.64
N ILE A 117 7.54 -6.41 20.54
CA ILE A 117 8.46 -5.99 21.56
C ILE A 117 8.83 -7.20 22.39
N ARG A 118 7.85 -8.05 22.72
CA ARG A 118 8.10 -9.18 23.58
C ARG A 118 8.96 -10.24 22.80
N TYR A 119 8.76 -10.36 21.50
CA TYR A 119 9.64 -11.24 20.71
C TYR A 119 11.12 -10.79 20.72
N PHE A 120 11.35 -9.51 20.49
CA PHE A 120 12.76 -9.06 20.44
C PHE A 120 13.43 -9.13 21.83
N GLU A 121 12.68 -8.85 22.90
CA GLU A 121 13.20 -8.85 24.26
C GLU A 121 13.58 -10.30 24.67
N GLN A 122 12.70 -11.29 24.37
CA GLN A 122 13.01 -12.70 24.52
C GLN A 122 14.21 -13.15 23.69
N VAL A 123 14.31 -12.74 22.43
CA VAL A 123 15.49 -13.08 21.67
C VAL A 123 16.74 -12.50 22.34
N ALA A 124 16.66 -11.21 22.69
CA ALA A 124 17.78 -10.55 23.35
C ALA A 124 18.23 -11.22 24.70
N ASP A 125 17.26 -11.70 25.47
CA ASP A 125 17.48 -12.27 26.78
C ASP A 125 17.94 -13.69 26.64
N SER A 126 17.95 -14.25 25.42
CA SER A 126 18.38 -15.63 25.27
C SER A 126 19.85 -15.70 25.04
N VAL A 127 20.52 -14.57 24.85
CA VAL A 127 21.95 -14.65 24.59
C VAL A 127 22.66 -13.52 25.30
N THR A 128 23.97 -13.55 25.33
CA THR A 128 24.68 -12.43 25.91
C THR A 128 25.45 -11.71 24.84
N LEU A 129 25.25 -12.11 23.59
CA LEU A 129 25.81 -11.41 22.42
C LEU A 129 25.09 -10.10 22.16
N PRO A 130 25.77 -9.12 21.55
CA PRO A 130 25.04 -7.99 20.94
C PRO A 130 24.03 -8.44 19.89
N VAL A 131 22.93 -7.70 19.79
CA VAL A 131 21.86 -7.97 18.84
C VAL A 131 21.68 -6.80 17.88
N MET A 132 21.68 -7.07 16.58
CA MET A 132 21.40 -6.04 15.56
C MET A 132 19.97 -6.39 15.06
N LEU A 133 19.07 -5.42 15.02
CA LEU A 133 17.76 -5.55 14.39
C LEU A 133 17.94 -5.53 12.87
N TYR A 134 16.91 -5.97 12.15
CA TYR A 134 16.96 -5.94 10.68
C TYR A 134 15.60 -5.50 10.20
N ASN A 135 15.58 -4.36 9.55
CA ASN A 135 14.30 -3.81 9.07
C ASN A 135 14.29 -3.99 7.59
N PHE A 136 13.30 -4.69 6.99
CA PHE A 136 13.26 -4.79 5.50
C PHE A 136 11.75 -4.83 5.18
N PRO A 137 11.06 -3.69 5.31
CA PRO A 137 9.61 -3.67 5.19
C PRO A 137 9.07 -4.08 3.78
N ALA A 138 9.80 -3.76 2.73
CA ALA A 138 9.42 -4.26 1.36
C ALA A 138 9.12 -5.76 1.41
N LEU A 139 9.91 -6.52 2.18
CA LEU A 139 9.67 -7.98 2.31
C LEU A 139 8.82 -8.39 3.50
N THR A 140 9.03 -7.74 4.67
CA THR A 140 8.29 -8.15 5.84
C THR A 140 6.85 -7.70 5.88
N GLY A 141 6.54 -6.60 5.17
CA GLY A 141 5.25 -5.96 5.33
C GLY A 141 5.01 -5.33 6.71
N GLN A 142 6.06 -5.03 7.44
CA GLN A 142 5.85 -4.44 8.78
C GLN A 142 7.07 -3.64 9.11
N ASP A 143 6.91 -2.34 9.14
CA ASP A 143 8.08 -1.50 9.38
C ASP A 143 8.56 -1.49 10.89
N LEU A 144 9.86 -1.47 11.11
CA LEU A 144 10.40 -1.21 12.40
C LEU A 144 10.61 0.30 12.46
N THR A 145 9.66 1.04 13.00
CA THR A 145 9.68 2.49 12.98
C THR A 145 10.77 3.00 13.93
N PRO A 146 11.28 4.20 13.68
CA PRO A 146 12.32 4.76 14.59
C PRO A 146 11.84 4.75 16.06
N ALA A 147 10.53 5.01 16.28
CA ALA A 147 9.96 5.10 17.62
C ALA A 147 10.00 3.70 18.27
N LEU A 148 9.63 2.68 17.49
CA LEU A 148 9.68 1.28 17.96
C LEU A 148 11.13 0.81 18.26
N VAL A 149 12.07 1.18 17.40
CA VAL A 149 13.47 0.77 17.59
C VAL A 149 14.01 1.44 18.85
N LYS A 150 13.62 2.69 19.08
CA LYS A 150 14.05 3.44 20.25
C LYS A 150 13.57 2.74 21.53
N THR A 151 12.29 2.34 21.55
CA THR A 151 11.71 1.60 22.63
C THR A 151 12.49 0.27 22.87
N LEU A 152 12.88 -0.46 21.82
CA LEU A 152 13.70 -1.70 22.04
C LEU A 152 15.06 -1.40 22.59
N ALA A 153 15.71 -0.36 22.08
CA ALA A 153 17.04 -0.03 22.60
C ALA A 153 16.92 0.52 24.06
N ASP A 154 15.81 1.20 24.40
CA ASP A 154 15.58 1.64 25.80
C ASP A 154 15.38 0.41 26.71
N SER A 155 14.80 -0.67 26.20
CA SER A 155 14.42 -1.80 27.03
C SER A 155 15.53 -2.83 27.26
N ARG A 156 16.42 -3.03 26.28
CA ARG A 156 17.48 -4.07 26.32
C ARG A 156 18.83 -3.50 25.93
N SER A 157 19.75 -3.46 26.86
CA SER A 157 21.06 -2.89 26.56
C SER A 157 21.92 -3.72 25.57
N ASN A 158 21.49 -4.91 25.22
CA ASN A 158 22.24 -5.63 24.16
C ASN A 158 21.64 -5.50 22.75
N ILE A 159 20.65 -4.61 22.61
CA ILE A 159 20.08 -4.30 21.29
C ILE A 159 20.74 -3.03 20.96
N ILE A 160 21.74 -3.16 20.09
CA ILE A 160 22.73 -2.11 19.90
C ILE A 160 22.82 -1.55 18.49
N GLY A 161 21.94 -2.00 17.59
CA GLY A 161 22.04 -1.55 16.21
C GLY A 161 20.90 -2.03 15.34
N ILE A 162 20.89 -1.49 14.12
CA ILE A 162 19.90 -1.89 13.15
C ILE A 162 20.51 -1.80 11.76
N LYS A 163 20.17 -2.80 10.95
CA LYS A 163 20.36 -2.77 9.53
C LYS A 163 19.02 -2.31 8.90
N ASP A 164 19.02 -1.13 8.27
CA ASP A 164 17.74 -0.52 7.84
C ASP A 164 17.71 -0.62 6.33
N THR A 165 16.93 -1.55 5.79
CA THR A 165 16.97 -1.83 4.36
C THR A 165 15.72 -1.26 3.77
N ILE A 166 15.82 -0.03 3.30
CA ILE A 166 14.67 0.70 2.76
C ILE A 166 15.22 1.78 1.83
N ASP A 167 14.59 1.95 0.69
CA ASP A 167 15.01 3.05 -0.20
C ASP A 167 14.29 4.33 0.28
N SER A 168 14.81 4.95 1.33
CA SER A 168 14.14 6.14 1.88
C SER A 168 15.11 6.93 2.68
N VAL A 169 15.37 8.15 2.27
CA VAL A 169 16.30 9.03 3.02
C VAL A 169 15.65 9.40 4.37
N ALA A 170 14.35 9.66 4.32
CA ALA A 170 13.57 10.06 5.52
C ALA A 170 13.61 9.01 6.62
N HIS A 171 13.48 7.73 6.24
CA HIS A 171 13.55 6.67 7.20
C HIS A 171 14.96 6.57 7.87
N LEU A 172 16.03 6.67 7.09
CA LEU A 172 17.35 6.62 7.66
C LEU A 172 17.59 7.82 8.55
N ARG A 173 17.20 9.01 8.08
CA ARG A 173 17.41 10.22 8.85
C ARG A 173 16.73 10.11 10.20
N SER A 174 15.48 9.64 10.19
CA SER A 174 14.65 9.62 11.36
C SER A 174 15.12 8.52 12.33
N MET A 175 15.59 7.39 11.81
CA MET A 175 16.19 6.28 12.56
C MET A 175 17.42 6.83 13.29
N ILE A 176 18.27 7.58 12.58
CA ILE A 176 19.41 8.24 13.21
C ILE A 176 19.05 9.29 14.28
N HIS A 177 18.22 10.27 13.94
N HIS A 177 18.22 10.27 13.93
CA HIS A 177 17.81 11.30 14.91
CA HIS A 177 17.76 11.31 14.89
C HIS A 177 17.09 10.74 16.16
C HIS A 177 17.09 10.73 16.15
N THR A 178 16.17 9.79 15.96
CA THR A 178 15.36 9.26 17.05
C THR A 178 16.15 8.27 17.92
N VAL A 179 16.83 7.33 17.29
CA VAL A 179 17.49 6.30 18.10
C VAL A 179 18.90 6.76 18.53
N LYS A 180 19.75 7.18 17.57
CA LYS A 180 21.09 7.68 17.97
C LYS A 180 21.05 8.92 18.86
N GLY A 181 20.03 9.79 18.70
CA GLY A 181 19.73 10.89 19.65
C GLY A 181 19.54 10.45 21.10
N ALA A 182 18.82 9.34 21.35
CA ALA A 182 18.70 8.80 22.74
C ALA A 182 19.89 7.92 23.12
N HIS A 183 20.50 7.25 22.14
CA HIS A 183 21.56 6.22 22.29
C HIS A 183 22.71 6.50 21.30
N PRO A 184 23.61 7.39 21.69
CA PRO A 184 24.69 7.83 20.77
C PRO A 184 25.50 6.73 20.14
N HIS A 185 25.67 5.61 20.82
CA HIS A 185 26.50 4.51 20.30
C HIS A 185 25.71 3.38 19.64
N PHE A 186 24.40 3.57 19.49
CA PHE A 186 23.55 2.62 18.72
C PHE A 186 23.92 2.73 17.24
N THR A 187 24.15 1.58 16.61
CA THR A 187 24.72 1.60 15.25
C THR A 187 23.60 1.61 14.20
N VAL A 188 23.67 2.60 13.29
CA VAL A 188 22.72 2.56 12.20
C VAL A 188 23.41 2.21 10.89
N LEU A 189 23.04 1.09 10.30
CA LEU A 189 23.59 0.69 8.96
C LEU A 189 22.52 0.62 7.88
N CYS A 190 22.79 1.16 6.68
CA CYS A 190 21.78 1.02 5.63
C CYS A 190 21.97 -0.31 4.98
N GLY A 191 20.90 -0.85 4.39
CA GLY A 191 20.99 -2.09 3.70
C GLY A 191 21.09 -1.96 2.15
N TYR A 192 21.01 -0.74 1.61
CA TYR A 192 21.16 -0.51 0.16
C TYR A 192 22.44 0.22 -0.17
N ASP A 193 23.11 -0.26 -1.21
CA ASP A 193 24.40 0.29 -1.67
C ASP A 193 24.34 1.81 -1.91
N ASP A 194 23.25 2.26 -2.53
CA ASP A 194 23.19 3.65 -2.93
C ASP A 194 22.74 4.60 -1.75
N HIS A 195 22.66 4.11 -0.51
CA HIS A 195 22.38 4.97 0.64
C HIS A 195 23.53 5.09 1.62
N LEU A 196 24.68 4.49 1.27
CA LEU A 196 25.83 4.45 2.19
C LEU A 196 26.34 5.87 2.42
N PHE A 197 26.54 6.59 1.34
CA PHE A 197 27.08 7.97 1.45
C PHE A 197 26.14 8.85 2.29
N ASN A 198 24.84 8.81 2.02
CA ASN A 198 23.90 9.65 2.74
C ASN A 198 23.82 9.23 4.23
N THR A 199 23.75 7.93 4.49
CA THR A 199 23.87 7.40 5.84
C THR A 199 25.09 7.98 6.58
N LEU A 200 26.26 8.00 5.94
CA LEU A 200 27.42 8.62 6.59
C LEU A 200 27.20 10.11 6.86
N LEU A 201 26.76 10.86 5.84
CA LEU A 201 26.51 12.31 6.08
C LEU A 201 25.44 12.60 7.10
N LEU A 202 24.49 11.69 7.25
CA LEU A 202 23.42 11.84 8.23
C LEU A 202 23.88 11.58 9.71
N GLY A 203 25.09 11.06 9.89
CA GLY A 203 25.53 10.66 11.26
C GLY A 203 25.35 9.17 11.56
N GLY A 204 25.09 8.38 10.52
CA GLY A 204 24.99 6.92 10.62
C GLY A 204 26.36 6.27 10.44
N ASP A 205 26.40 4.93 10.44
CA ASP A 205 27.65 4.20 10.71
C ASP A 205 28.22 3.31 9.61
N GLY A 206 27.50 3.12 8.50
CA GLY A 206 28.04 2.29 7.42
C GLY A 206 26.91 1.54 6.73
N ALA A 207 27.25 0.39 6.14
CA ALA A 207 26.33 -0.40 5.28
C ALA A 207 26.57 -1.91 5.31
N ILE A 208 25.45 -2.63 5.26
CA ILE A 208 25.47 -4.01 4.99
C ILE A 208 24.74 -4.10 3.64
N SER A 209 25.47 -4.15 2.56
CA SER A 209 24.78 -4.12 1.24
C SER A 209 25.38 -5.12 0.23
N ALA A 210 24.57 -5.62 -0.68
CA ALA A 210 24.92 -6.73 -1.59
C ALA A 210 26.23 -6.53 -2.39
N SER A 211 26.52 -5.33 -2.83
CA SER A 211 27.73 -5.10 -3.64
C SER A 211 29.02 -5.33 -2.80
N GLY A 212 28.85 -5.43 -1.49
CA GLY A 212 29.93 -5.85 -0.61
C GLY A 212 30.53 -7.18 -1.07
N ASN A 213 29.72 -8.07 -1.65
CA ASN A 213 30.22 -9.34 -2.17
C ASN A 213 31.14 -9.27 -3.35
N PHE A 214 30.85 -8.40 -4.33
CA PHE A 214 31.56 -8.46 -5.63
C PHE A 214 32.45 -7.21 -5.91
N ALA A 215 32.19 -6.13 -5.18
CA ALA A 215 32.94 -4.91 -5.26
C ALA A 215 33.07 -4.29 -3.90
N PRO A 216 33.63 -5.03 -2.91
CA PRO A 216 33.78 -4.44 -1.56
C PRO A 216 34.69 -3.21 -1.51
N GLN A 217 35.68 -3.14 -2.43
CA GLN A 217 36.64 -1.99 -2.48
C GLN A 217 35.92 -0.63 -2.65
N VAL A 218 34.78 -0.62 -3.34
CA VAL A 218 34.07 0.66 -3.60
C VAL A 218 33.56 1.22 -2.29
N SER A 219 32.89 0.38 -1.47
CA SER A 219 32.34 0.76 -0.16
C SER A 219 33.45 0.99 0.80
N VAL A 220 34.41 0.07 0.81
CA VAL A 220 35.55 0.18 1.72
C VAL A 220 36.33 1.50 1.49
N ASN A 221 36.60 1.81 0.21
CA ASN A 221 37.31 3.05 -0.13
C ASN A 221 36.50 4.31 0.14
N LEU A 222 35.18 4.19 -0.04
CA LEU A 222 34.27 5.31 0.25
C LEU A 222 34.32 5.63 1.73
N LEU A 223 34.27 4.63 2.60
CA LEU A 223 34.33 4.86 4.04
C LEU A 223 35.72 5.43 4.47
N LYS A 224 36.78 4.83 3.92
CA LYS A 224 38.14 5.30 4.19
C LYS A 224 38.25 6.81 3.77
N ALA A 225 37.86 7.13 2.53
CA ALA A 225 37.90 8.50 2.04
C ALA A 225 37.09 9.38 2.96
N TRP A 226 35.87 8.94 3.31
CA TRP A 226 35.09 9.71 4.26
C TRP A 226 35.83 9.93 5.60
N ARG A 227 36.33 8.84 6.22
CA ARG A 227 37.00 8.93 7.52
C ARG A 227 38.25 9.85 7.45
N ASP A 228 38.86 9.91 6.27
CA ASP A 228 40.01 10.80 6.03
C ASP A 228 39.68 12.26 5.71
N GLY A 229 38.40 12.62 5.60
CA GLY A 229 38.02 14.01 5.28
C GLY A 229 38.13 14.36 3.81
N ASP A 230 38.30 13.35 2.97
CA ASP A 230 38.30 13.56 1.54
C ASP A 230 36.90 13.27 0.94
N VAL A 231 36.01 14.24 1.12
CA VAL A 231 34.62 14.08 0.80
C VAL A 231 34.45 13.90 -0.71
N ALA A 232 35.31 14.53 -1.51
CA ALA A 232 35.14 14.48 -2.96
C ALA A 232 35.47 13.10 -3.46
N LYS A 233 36.45 12.45 -2.83
CA LYS A 233 36.82 11.09 -3.22
C LYS A 233 35.68 10.13 -2.83
N ALA A 234 35.10 10.35 -1.65
CA ALA A 234 33.97 9.55 -1.15
C ALA A 234 32.76 9.63 -2.13
N ALA A 235 32.48 10.85 -2.58
CA ALA A 235 31.43 11.14 -3.51
C ALA A 235 31.68 10.51 -4.86
N GLY A 236 32.95 10.42 -5.26
CA GLY A 236 33.25 9.65 -6.49
C GLY A 236 32.88 8.16 -6.38
N TYR A 237 33.24 7.51 -5.27
CA TYR A 237 32.78 6.12 -5.02
C TYR A 237 31.25 6.05 -4.94
N HIS A 238 30.64 7.03 -4.31
CA HIS A 238 29.18 7.10 -4.23
C HIS A 238 28.56 7.04 -5.62
N GLN A 239 29.19 7.70 -6.60
CA GLN A 239 28.61 7.78 -7.93
C GLN A 239 28.55 6.39 -8.54
N THR A 240 29.56 5.56 -8.28
CA THR A 240 29.48 4.17 -8.71
C THR A 240 28.36 3.36 -7.97
N LEU A 241 28.26 3.57 -6.65
CA LEU A 241 27.26 2.85 -5.86
C LEU A 241 25.82 3.24 -6.20
N LEU A 242 25.61 4.51 -6.56
CA LEU A 242 24.33 4.99 -7.10
C LEU A 242 23.87 4.18 -8.29
N GLN A 243 24.80 3.70 -9.08
CA GLN A 243 24.45 2.95 -10.32
C GLN A 243 24.32 1.43 -10.15
N ILE A 244 25.07 0.86 -9.18
CA ILE A 244 25.04 -0.60 -8.99
C ILE A 244 23.62 -1.19 -8.88
N PRO A 245 22.70 -0.55 -8.11
CA PRO A 245 21.49 -1.34 -7.87
C PRO A 245 20.57 -1.61 -9.07
N GLN A 246 20.88 -1.02 -10.22
CA GLN A 246 20.23 -1.37 -11.45
C GLN A 246 20.19 -2.89 -11.65
N MET A 247 21.30 -3.54 -11.34
CA MET A 247 21.41 -4.97 -11.56
C MET A 247 20.38 -5.80 -10.80
N TYR A 248 19.93 -5.33 -9.65
CA TYR A 248 19.08 -6.11 -8.78
C TYR A 248 17.69 -6.30 -9.38
N GLN A 249 17.36 -5.48 -10.41
CA GLN A 249 16.10 -5.56 -11.18
C GLN A 249 16.15 -6.76 -12.18
N LEU A 250 17.31 -7.39 -12.37
CA LEU A 250 17.41 -8.48 -13.39
C LEU A 250 16.64 -9.71 -12.99
N ASP A 251 16.38 -9.91 -11.69
CA ASP A 251 15.63 -11.10 -11.31
C ASP A 251 15.08 -10.87 -9.93
N THR A 252 14.03 -11.60 -9.54
CA THR A 252 13.65 -11.60 -8.12
C THR A 252 13.25 -12.99 -7.63
N PRO A 253 13.92 -13.52 -6.60
CA PRO A 253 15.05 -12.97 -5.82
C PRO A 253 16.24 -12.71 -6.74
N PHE A 254 17.11 -11.78 -6.32
CA PHE A 254 18.31 -11.44 -7.10
C PHE A 254 19.58 -11.99 -6.47
N VAL A 255 19.44 -12.95 -5.52
CA VAL A 255 20.61 -13.66 -4.98
C VAL A 255 21.44 -14.30 -6.13
N ASN A 256 20.79 -14.77 -7.19
CA ASN A 256 21.54 -15.27 -8.37
C ASN A 256 22.39 -14.20 -8.99
N VAL A 257 21.86 -12.96 -9.06
CA VAL A 257 22.58 -11.89 -9.73
C VAL A 257 23.86 -11.56 -8.97
N ILE A 258 23.75 -11.53 -7.64
CA ILE A 258 24.88 -11.23 -6.80
C ILE A 258 26.00 -12.29 -7.03
N LYS A 259 25.65 -13.56 -7.13
CA LYS A 259 26.67 -14.58 -7.33
C LYS A 259 27.29 -14.47 -8.73
N GLU A 260 26.45 -14.18 -9.73
CA GLU A 260 26.96 -14.07 -11.12
C GLU A 260 27.95 -12.91 -11.20
N ALA A 261 27.69 -11.85 -10.40
CA ALA A 261 28.58 -10.71 -10.28
C ALA A 261 29.87 -11.06 -9.53
N ILE A 262 29.78 -11.88 -8.48
CA ILE A 262 31.00 -12.36 -7.82
C ILE A 262 31.89 -13.04 -8.90
N VAL A 263 31.35 -13.92 -9.69
CA VAL A 263 32.16 -14.54 -10.77
C VAL A 263 32.75 -13.53 -11.81
N LEU A 264 31.89 -12.64 -12.31
CA LEU A 264 32.29 -11.69 -13.34
C LEU A 264 33.38 -10.76 -12.81
N CYS A 265 33.35 -10.48 -11.50
CA CYS A 265 34.36 -9.59 -10.92
C CYS A 265 35.66 -10.31 -10.54
N GLY A 266 35.72 -11.63 -10.81
CA GLY A 266 37.02 -12.35 -10.79
C GLY A 266 37.14 -13.50 -9.81
N ARG A 267 36.06 -13.86 -9.12
CA ARG A 267 36.10 -14.98 -8.16
C ARG A 267 35.21 -16.14 -8.65
N PRO A 268 35.81 -17.22 -9.20
CA PRO A 268 34.98 -18.23 -9.83
C PRO A 268 34.35 -19.19 -8.86
N VAL A 269 33.21 -18.81 -8.30
CA VAL A 269 32.47 -19.68 -7.42
C VAL A 269 31.29 -20.19 -8.15
N SER A 270 30.78 -21.29 -7.66
CA SER A 270 29.57 -21.85 -8.13
C SER A 270 28.42 -20.84 -7.83
N THR A 271 27.56 -20.61 -8.83
CA THR A 271 26.42 -19.69 -8.72
C THR A 271 25.06 -20.32 -8.40
N HIS A 272 25.00 -21.63 -8.14
N HIS A 272 25.00 -21.63 -8.17
CA HIS A 272 23.72 -22.29 -7.70
CA HIS A 272 23.74 -22.23 -7.72
C HIS A 272 23.04 -21.53 -6.53
C HIS A 272 23.06 -21.39 -6.60
N VAL A 273 21.73 -21.37 -6.66
CA VAL A 273 20.92 -20.71 -5.65
C VAL A 273 19.78 -21.68 -5.34
N LEU A 274 19.18 -21.53 -4.17
CA LEU A 274 18.16 -22.44 -3.72
C LEU A 274 16.76 -22.02 -4.19
N PRO A 275 15.91 -23.00 -4.51
CA PRO A 275 14.53 -22.62 -4.88
C PRO A 275 13.86 -21.94 -3.70
N PRO A 276 12.92 -21.00 -3.95
CA PRO A 276 12.35 -20.69 -5.27
C PRO A 276 13.10 -19.69 -6.13
N ALA A 277 14.30 -19.30 -5.74
CA ALA A 277 15.20 -18.61 -6.68
C ALA A 277 15.62 -19.60 -7.83
N SER A 278 16.15 -19.08 -8.94
CA SER A 278 16.49 -19.90 -10.11
C SER A 278 17.73 -19.32 -10.84
N PRO A 279 18.40 -20.13 -11.67
CA PRO A 279 19.56 -19.60 -12.39
C PRO A 279 19.23 -18.40 -13.30
N LEU A 280 20.08 -17.36 -13.26
CA LEU A 280 20.00 -16.26 -14.19
C LEU A 280 20.30 -16.70 -15.67
N ASP A 281 19.39 -16.30 -16.58
CA ASP A 281 19.49 -16.70 -17.99
C ASP A 281 20.66 -16.00 -18.62
N GLU A 282 21.21 -16.60 -19.69
CA GLU A 282 22.40 -16.05 -20.40
C GLU A 282 22.22 -14.62 -20.93
N PRO A 283 21.07 -14.32 -21.52
CA PRO A 283 20.95 -12.87 -21.88
C PRO A 283 21.03 -11.91 -20.68
N ARG A 284 20.47 -12.28 -19.52
CA ARG A 284 20.56 -11.33 -18.39
C ARG A 284 21.97 -11.32 -17.78
N LYS A 285 22.71 -12.44 -17.90
CA LYS A 285 24.08 -12.47 -17.41
C LYS A 285 24.91 -11.58 -18.33
N ALA A 286 24.61 -11.56 -19.63
CA ALA A 286 25.35 -10.64 -20.54
C ALA A 286 25.07 -9.16 -20.22
N GLN A 287 23.81 -8.86 -19.94
CA GLN A 287 23.43 -7.52 -19.47
C GLN A 287 24.12 -7.14 -18.16
N LEU A 288 24.26 -8.09 -17.22
CA LEU A 288 25.00 -7.84 -15.95
C LEU A 288 26.45 -7.47 -16.28
N LYS A 289 27.04 -8.29 -17.12
CA LYS A 289 28.43 -8.12 -17.46
C LYS A 289 28.64 -6.75 -18.10
N THR A 290 27.85 -6.41 -19.12
CA THR A 290 28.10 -5.08 -19.73
C THR A 290 27.94 -3.91 -18.71
N LEU A 291 26.95 -3.99 -17.81
CA LEU A 291 26.86 -3.11 -16.63
C LEU A 291 28.11 -3.09 -15.78
N LEU A 292 28.61 -4.25 -15.37
CA LEU A 292 29.84 -4.24 -14.55
C LEU A 292 31.03 -3.61 -15.30
N GLN A 293 31.14 -3.87 -16.60
CA GLN A 293 32.15 -3.20 -17.44
C GLN A 293 31.98 -1.67 -17.52
N GLN A 294 30.76 -1.19 -17.79
CA GLN A 294 30.52 0.27 -17.82
C GLN A 294 30.91 0.94 -16.48
N LEU A 295 30.79 0.22 -15.35
CA LEU A 295 31.13 0.77 -14.04
C LEU A 295 32.59 0.56 -13.66
N LYS A 296 33.32 -0.17 -14.51
CA LYS A 296 34.75 -0.44 -14.34
C LYS A 296 34.97 -1.40 -13.18
N LEU A 297 34.07 -2.34 -13.00
CA LEU A 297 34.18 -3.25 -11.86
C LEU A 297 34.73 -4.64 -12.24
N CYS A 298 34.86 -4.87 -13.55
CA CYS A 298 35.54 -6.04 -14.07
C CYS A 298 36.22 -5.73 -15.41
N ALA B 1 -15.42 -29.89 -7.85
CA ALA B 1 -15.50 -31.13 -7.39
C ALA B 1 -14.58 -31.66 -6.25
N LEU B 2 -13.32 -31.28 -6.08
CA LEU B 2 -12.59 -31.83 -4.95
C LEU B 2 -12.59 -30.90 -3.71
N PHE B 3 -12.68 -31.44 -2.49
CA PHE B 3 -12.55 -30.56 -1.30
C PHE B 3 -13.54 -29.39 -1.27
N THR B 4 -14.81 -29.66 -1.47
CA THR B 4 -15.78 -28.61 -1.43
C THR B 4 -16.43 -28.62 -0.02
N GLY B 5 -17.22 -27.59 0.27
CA GLY B 5 -18.01 -27.55 1.46
C GLY B 5 -17.29 -26.84 2.61
N ILE B 6 -17.50 -27.35 3.82
CA ILE B 6 -16.93 -26.78 5.05
C ILE B 6 -15.73 -27.57 5.54
N ILE B 7 -14.56 -26.94 5.47
CA ILE B 7 -13.31 -27.62 5.85
C ILE B 7 -12.53 -26.76 6.84
N PRO B 8 -12.64 -27.06 8.14
CA PRO B 8 -11.97 -26.17 9.09
C PRO B 8 -10.45 -26.17 9.06
N PRO B 9 -9.82 -24.99 9.26
CA PRO B 9 -8.42 -25.03 9.44
C PRO B 9 -8.20 -25.33 10.96
N VAL B 10 -7.91 -26.58 11.26
CA VAL B 10 -7.93 -27.06 12.61
C VAL B 10 -6.77 -26.42 13.42
N SER B 11 -7.10 -25.97 14.62
CA SER B 11 -6.05 -25.61 15.56
C SER B 11 -5.21 -26.84 15.95
N THR B 12 -3.92 -26.63 16.15
CA THR B 12 -3.08 -27.67 16.67
C THR B 12 -3.07 -27.44 18.20
N ILE B 13 -3.45 -28.41 18.99
CA ILE B 13 -3.45 -28.22 20.43
C ILE B 13 -2.08 -28.57 21.01
N PHE B 14 -1.52 -27.66 21.79
CA PHE B 14 -0.22 -27.88 22.43
C PHE B 14 -0.34 -27.90 23.95
N THR B 15 0.52 -28.69 24.60
CA THR B 15 0.62 -28.65 26.05
C THR B 15 1.31 -27.38 26.51
N ALA B 16 1.36 -27.18 27.83
CA ALA B 16 2.12 -26.07 28.43
C ALA B 16 3.60 -26.01 28.11
N ASP B 17 4.23 -27.13 27.74
CA ASP B 17 5.64 -27.11 27.23
C ASP B 17 5.76 -26.98 25.71
N GLY B 18 4.65 -26.71 25.00
CA GLY B 18 4.69 -26.52 23.55
C GLY B 18 4.94 -27.76 22.73
N GLN B 19 4.58 -28.92 23.30
CA GLN B 19 4.55 -30.21 22.55
C GLN B 19 3.11 -30.53 22.15
N LEU B 20 2.95 -31.32 21.12
CA LEU B 20 1.66 -31.65 20.61
C LEU B 20 0.88 -32.32 21.73
N ASP B 21 -0.31 -31.80 21.97
CA ASP B 21 -1.27 -32.34 22.92
C ASP B 21 -2.17 -33.30 22.11
N LYS B 22 -1.80 -34.57 22.11
CA LYS B 22 -2.53 -35.59 21.36
C LYS B 22 -3.97 -35.80 21.82
N PRO B 23 -4.21 -35.98 23.14
CA PRO B 23 -5.62 -36.11 23.54
C PRO B 23 -6.48 -34.89 23.16
N GLY B 24 -5.99 -33.67 23.40
CA GLY B 24 -6.79 -32.50 23.03
C GLY B 24 -6.96 -32.33 21.51
N THR B 25 -5.90 -32.51 20.72
CA THR B 25 -6.07 -32.41 19.23
C THR B 25 -7.06 -33.48 18.73
N ALA B 26 -6.99 -34.69 19.31
CA ALA B 26 -7.88 -35.79 18.93
C ALA B 26 -9.32 -35.48 19.26
N ALA B 27 -9.56 -34.92 20.47
CA ALA B 27 -10.93 -34.60 20.86
C ALA B 27 -11.47 -33.51 19.92
N LEU B 28 -10.62 -32.54 19.58
CA LEU B 28 -11.06 -31.44 18.69
C LEU B 28 -11.44 -32.02 17.29
N ILE B 29 -10.58 -32.94 16.80
CA ILE B 29 -10.83 -33.58 15.50
C ILE B 29 -12.20 -34.27 15.52
N ASP B 30 -12.44 -35.02 16.62
CA ASP B 30 -13.68 -35.80 16.76
C ASP B 30 -14.90 -34.87 16.85
N ASP B 31 -14.78 -33.75 17.57
CA ASP B 31 -15.92 -32.79 17.65
C ASP B 31 -16.31 -32.34 16.22
N LEU B 32 -15.29 -31.94 15.47
CA LEU B 32 -15.44 -31.41 14.15
C LEU B 32 -16.11 -32.41 13.23
N ILE B 33 -15.64 -33.66 13.23
CA ILE B 33 -16.21 -34.71 12.39
C ILE B 33 -17.65 -34.99 12.78
N LYS B 34 -17.90 -35.09 14.09
CA LYS B 34 -19.33 -35.24 14.54
C LYS B 34 -20.19 -34.05 14.10
N ALA B 35 -19.60 -32.86 14.00
CA ALA B 35 -20.42 -31.70 13.58
C ALA B 35 -20.76 -31.75 12.07
N GLY B 36 -20.20 -32.70 11.34
CA GLY B 36 -20.58 -32.86 9.91
C GLY B 36 -19.78 -32.04 8.90
N VAL B 37 -18.54 -31.68 9.25
CA VAL B 37 -17.70 -31.01 8.28
C VAL B 37 -17.36 -31.93 7.09
N ASP B 38 -16.89 -31.31 6.00
CA ASP B 38 -16.61 -32.04 4.75
C ASP B 38 -15.18 -32.45 4.56
N GLY B 39 -14.32 -32.06 5.51
CA GLY B 39 -12.91 -32.40 5.44
C GLY B 39 -12.20 -31.66 6.55
N LEU B 40 -10.91 -31.96 6.75
CA LEU B 40 -10.13 -31.26 7.76
C LEU B 40 -8.77 -30.80 7.23
N PHE B 41 -8.37 -29.59 7.61
CA PHE B 41 -7.14 -28.95 7.10
C PHE B 41 -6.21 -28.65 8.26
N PHE B 42 -5.06 -29.32 8.29
CA PHE B 42 -4.14 -29.24 9.39
C PHE B 42 -2.93 -28.44 8.92
N LEU B 43 -2.31 -27.75 9.84
CA LEU B 43 -1.17 -26.92 9.53
C LEU B 43 -1.41 -25.78 8.49
N GLY B 44 -2.59 -25.16 8.57
CA GLY B 44 -2.80 -23.83 7.98
C GLY B 44 -2.38 -22.75 8.94
N SER B 45 -2.70 -21.48 8.59
CA SER B 45 -2.31 -20.36 9.41
C SER B 45 -2.81 -20.56 10.82
N GLY B 46 -4.09 -20.87 10.97
CA GLY B 46 -4.69 -21.21 12.29
C GLY B 46 -3.99 -22.38 13.03
N GLY B 47 -3.46 -23.32 12.27
CA GLY B 47 -2.80 -24.48 12.85
C GLY B 47 -1.37 -24.13 13.17
N GLU B 48 -0.97 -22.86 12.94
CA GLU B 48 0.38 -22.34 13.35
C GLU B 48 1.57 -22.95 12.62
N PHE B 49 1.43 -23.34 11.31
CA PHE B 49 2.52 -23.96 10.55
C PHE B 49 3.81 -23.10 10.60
N SER B 50 3.64 -21.78 10.47
CA SER B 50 4.75 -20.83 10.47
C SER B 50 5.56 -20.70 11.78
N GLN B 51 5.01 -21.23 12.87
CA GLN B 51 5.78 -21.23 14.13
C GLN B 51 6.36 -22.59 14.52
N LEU B 52 6.23 -23.57 13.61
CA LEU B 52 6.67 -24.96 13.85
C LEU B 52 7.88 -25.34 12.98
N GLY B 53 8.73 -26.23 13.48
CA GLY B 53 9.82 -26.75 12.68
C GLY B 53 9.31 -27.84 11.76
N ALA B 54 10.04 -28.12 10.70
CA ALA B 54 9.70 -29.18 9.73
C ALA B 54 9.46 -30.60 10.38
N GLU B 55 10.33 -31.02 11.29
CA GLU B 55 10.11 -32.32 11.95
C GLU B 55 8.81 -32.29 12.77
N GLU B 56 8.56 -31.16 13.43
CA GLU B 56 7.37 -31.01 14.19
C GLU B 56 6.17 -31.11 13.28
N ARG B 57 6.18 -30.35 12.16
CA ARG B 57 5.07 -30.45 11.18
C ARG B 57 4.81 -31.85 10.64
N LYS B 58 5.88 -32.58 10.31
CA LYS B 58 5.66 -34.00 9.95
C LYS B 58 4.97 -34.81 11.06
N ALA B 59 5.44 -34.65 12.31
CA ALA B 59 4.84 -35.43 13.39
C ALA B 59 3.37 -35.05 13.54
N ILE B 60 3.06 -33.75 13.47
CA ILE B 60 1.68 -33.35 13.61
C ILE B 60 0.86 -33.95 12.47
N ALA B 61 1.36 -33.80 11.26
CA ALA B 61 0.49 -34.28 10.16
C ALA B 61 0.20 -35.76 10.31
N ARG B 62 1.26 -36.51 10.69
CA ARG B 62 1.14 -37.97 10.75
C ARG B 62 0.10 -38.32 11.82
N PHE B 63 0.26 -37.68 12.98
CA PHE B 63 -0.73 -37.88 14.02
C PHE B 63 -2.09 -37.58 13.52
N ALA B 64 -2.23 -36.44 12.85
CA ALA B 64 -3.57 -36.01 12.49
C ALA B 64 -4.15 -36.95 11.47
N ILE B 65 -3.36 -37.29 10.46
CA ILE B 65 -3.94 -38.19 9.42
C ILE B 65 -4.40 -39.52 10.04
N ASP B 66 -3.53 -40.09 10.87
CA ASP B 66 -3.86 -41.33 11.63
C ASP B 66 -5.08 -41.24 12.48
N HIS B 67 -5.16 -40.17 13.29
CA HIS B 67 -6.37 -40.01 14.05
C HIS B 67 -7.60 -39.88 13.20
N VAL B 68 -7.55 -39.06 12.14
CA VAL B 68 -8.75 -38.96 11.28
C VAL B 68 -9.17 -40.33 10.71
N ASP B 69 -8.18 -41.14 10.32
CA ASP B 69 -8.38 -42.55 9.88
C ASP B 69 -9.38 -42.65 8.73
N ARG B 70 -9.25 -41.75 7.76
CA ARG B 70 -10.09 -41.71 6.56
C ARG B 70 -11.59 -41.34 6.70
N ARG B 71 -12.03 -40.92 7.90
CA ARG B 71 -13.45 -40.55 8.09
C ARG B 71 -13.88 -39.35 7.23
N VAL B 72 -12.93 -38.45 6.95
CA VAL B 72 -13.24 -37.32 6.09
C VAL B 72 -11.92 -37.02 5.38
N PRO B 73 -11.97 -36.40 4.20
CA PRO B 73 -10.78 -35.99 3.49
C PRO B 73 -9.89 -35.10 4.36
N VAL B 74 -8.59 -35.32 4.24
CA VAL B 74 -7.63 -34.57 5.01
C VAL B 74 -6.68 -33.80 4.13
N LEU B 75 -6.48 -32.53 4.45
CA LEU B 75 -5.50 -31.70 3.79
C LEU B 75 -4.40 -31.32 4.76
N ILE B 76 -3.19 -31.23 4.26
CA ILE B 76 -2.07 -30.82 5.03
C ILE B 76 -1.46 -29.59 4.39
N GLY B 77 -1.21 -28.55 5.22
CA GLY B 77 -0.49 -27.40 4.78
C GLY B 77 1.01 -27.60 4.76
N THR B 78 1.65 -27.51 3.58
CA THR B 78 3.05 -27.88 3.50
C THR B 78 3.94 -26.74 3.09
N GLY B 79 3.34 -25.53 2.94
CA GLY B 79 4.07 -24.36 2.43
C GLY B 79 5.00 -23.67 3.41
N GLY B 80 5.69 -22.65 2.92
CA GLY B 80 6.72 -21.94 3.68
C GLY B 80 7.55 -21.12 2.71
N THR B 81 8.77 -20.74 3.10
CA THR B 81 9.70 -20.04 2.24
C THR B 81 10.78 -20.99 1.64
N ASN B 82 11.11 -22.04 2.37
CA ASN B 82 12.08 -23.04 1.90
C ASN B 82 11.40 -24.02 0.92
N ALA B 83 11.52 -23.76 -0.36
CA ALA B 83 10.89 -24.61 -1.33
C ALA B 83 11.34 -26.10 -1.25
N ARG B 84 12.62 -26.34 -1.05
CA ARG B 84 13.04 -27.78 -0.82
C ARG B 84 12.27 -28.40 0.36
N GLU B 85 12.05 -27.63 1.41
CA GLU B 85 11.24 -28.19 2.51
C GLU B 85 9.81 -28.39 2.12
N THR B 86 9.24 -27.48 1.31
CA THR B 86 7.87 -27.71 0.86
C THR B 86 7.68 -29.05 0.10
N ILE B 87 8.62 -29.38 -0.78
CA ILE B 87 8.58 -30.73 -1.46
C ILE B 87 8.70 -31.90 -0.40
N GLU B 88 9.66 -31.76 0.50
CA GLU B 88 9.80 -32.78 1.58
C GLU B 88 8.48 -32.98 2.37
N LEU B 89 7.86 -31.88 2.82
CA LEU B 89 6.65 -31.95 3.59
C LEU B 89 5.46 -32.44 2.77
N SER B 90 5.43 -32.07 1.49
CA SER B 90 4.38 -32.56 0.61
C SER B 90 4.54 -34.04 0.29
N GLN B 91 5.76 -34.48 -0.01
CA GLN B 91 5.99 -35.95 -0.23
C GLN B 91 5.71 -36.72 1.08
N HIS B 92 6.09 -36.11 2.22
CA HIS B 92 5.81 -36.78 3.49
C HIS B 92 4.29 -36.90 3.67
N ALA B 93 3.55 -35.83 3.33
CA ALA B 93 2.12 -35.89 3.53
C ALA B 93 1.43 -37.02 2.71
N GLN B 94 1.80 -37.10 1.45
CA GLN B 94 1.31 -38.20 0.58
C GLN B 94 1.66 -39.58 1.19
N GLN B 95 2.94 -39.78 1.53
CA GLN B 95 3.37 -41.05 2.16
C GLN B 95 2.60 -41.39 3.42
N ALA B 96 2.24 -40.37 4.21
CA ALA B 96 1.53 -40.58 5.47
C ALA B 96 0.05 -40.81 5.24
N GLY B 97 -0.44 -40.53 4.04
CA GLY B 97 -1.84 -40.89 3.78
C GLY B 97 -2.79 -39.71 3.69
N ALA B 98 -2.26 -38.49 3.62
CA ALA B 98 -3.13 -37.31 3.42
C ALA B 98 -3.85 -37.42 2.06
N ASP B 99 -4.98 -36.71 1.93
CA ASP B 99 -5.71 -36.65 0.67
C ASP B 99 -5.41 -35.49 -0.23
N GLY B 100 -4.68 -34.50 0.26
CA GLY B 100 -4.40 -33.29 -0.51
C GLY B 100 -3.45 -32.41 0.32
N ILE B 101 -2.78 -31.48 -0.33
CA ILE B 101 -1.92 -30.52 0.34
C ILE B 101 -2.41 -29.08 -0.01
N VAL B 102 -2.09 -28.11 0.85
CA VAL B 102 -2.50 -26.74 0.64
C VAL B 102 -1.19 -25.96 0.64
N VAL B 103 -0.90 -25.22 -0.42
CA VAL B 103 0.41 -24.61 -0.56
C VAL B 103 0.22 -23.12 -0.75
N ILE B 104 0.74 -22.33 0.20
CA ILE B 104 0.78 -20.87 0.08
C ILE B 104 1.93 -20.46 -0.87
N ASN B 105 1.89 -19.27 -1.41
CA ASN B 105 3.03 -18.75 -2.10
C ASN B 105 4.12 -18.33 -1.10
N PRO B 106 5.39 -18.39 -1.52
CA PRO B 106 6.48 -17.93 -0.65
C PRO B 106 6.24 -16.48 -0.17
N TYR B 107 6.46 -16.25 1.12
CA TYR B 107 6.01 -15.02 1.70
C TYR B 107 7.14 -14.17 2.28
N TYR B 108 8.39 -14.53 2.04
CA TYR B 108 9.44 -13.62 2.40
C TYR B 108 9.73 -12.76 1.15
N TRP B 109 10.65 -13.21 0.30
CA TRP B 109 10.77 -12.71 -1.05
C TRP B 109 9.43 -12.86 -1.75
N LYS B 110 9.02 -11.86 -2.52
CA LYS B 110 7.84 -11.98 -3.37
C LYS B 110 8.44 -12.30 -4.73
N VAL B 111 8.51 -13.57 -5.07
CA VAL B 111 9.29 -13.96 -6.24
C VAL B 111 8.63 -13.51 -7.55
N SER B 112 9.46 -13.36 -8.58
CA SER B 112 8.97 -12.95 -9.89
C SER B 112 7.87 -13.93 -10.31
N GLU B 113 7.05 -13.51 -11.26
CA GLU B 113 6.00 -14.37 -11.75
C GLU B 113 6.55 -15.70 -12.33
N ALA B 114 7.66 -15.65 -13.07
CA ALA B 114 8.20 -16.86 -13.68
C ALA B 114 8.62 -17.84 -12.54
N ASN B 115 9.27 -17.30 -11.50
CA ASN B 115 9.74 -18.16 -10.35
C ASN B 115 8.56 -18.72 -9.63
N LEU B 116 7.49 -17.95 -9.57
CA LEU B 116 6.32 -18.35 -8.80
C LEU B 116 5.53 -19.49 -9.49
N ILE B 117 5.35 -19.35 -10.79
CA ILE B 117 4.76 -20.43 -11.59
C ILE B 117 5.63 -21.68 -11.50
N ARG B 118 6.95 -21.54 -11.57
CA ARG B 118 7.83 -22.68 -11.53
C ARG B 118 7.77 -23.39 -10.17
N TYR B 119 7.73 -22.57 -9.10
CA TYR B 119 7.60 -23.08 -7.75
C TYR B 119 6.36 -23.94 -7.62
N PHE B 120 5.20 -23.42 -7.98
CA PHE B 120 3.96 -24.23 -7.87
C PHE B 120 3.98 -25.48 -8.79
N GLU B 121 4.50 -25.31 -10.02
CA GLU B 121 4.63 -26.46 -10.96
C GLU B 121 5.51 -27.57 -10.32
N GLN B 122 6.67 -27.20 -9.79
CA GLN B 122 7.56 -28.17 -9.09
C GLN B 122 6.86 -28.81 -7.89
N VAL B 123 6.18 -28.04 -7.06
CA VAL B 123 5.54 -28.64 -5.94
C VAL B 123 4.50 -29.62 -6.42
N ALA B 124 3.73 -29.19 -7.40
CA ALA B 124 2.68 -30.08 -7.96
C ALA B 124 3.27 -31.38 -8.59
N ASP B 125 4.49 -31.30 -9.12
CA ASP B 125 5.08 -32.42 -9.83
C ASP B 125 5.66 -33.38 -8.80
N SER B 126 5.79 -32.91 -7.54
CA SER B 126 6.48 -33.72 -6.54
C SER B 126 5.54 -34.74 -5.94
N VAL B 127 4.26 -34.67 -6.21
CA VAL B 127 3.30 -35.53 -5.54
C VAL B 127 2.21 -35.85 -6.50
N THR B 128 1.43 -36.88 -6.24
CA THR B 128 0.29 -37.12 -7.14
C THR B 128 -0.99 -36.71 -6.47
N LEU B 129 -0.88 -36.19 -5.27
CA LEU B 129 -2.03 -35.71 -4.55
C LEU B 129 -2.60 -34.47 -5.24
N PRO B 130 -3.91 -34.25 -5.15
CA PRO B 130 -4.45 -32.89 -5.39
C PRO B 130 -3.77 -31.77 -4.57
N VAL B 131 -3.61 -30.62 -5.24
CA VAL B 131 -3.01 -29.44 -4.65
C VAL B 131 -4.00 -28.26 -4.59
N MET B 132 -4.18 -27.72 -3.39
CA MET B 132 -5.00 -26.52 -3.18
C MET B 132 -4.01 -25.37 -2.99
N LEU B 133 -4.15 -24.34 -3.78
CA LEU B 133 -3.39 -23.10 -3.59
C LEU B 133 -3.95 -22.32 -2.38
N TYR B 134 -3.12 -21.44 -1.83
CA TYR B 134 -3.52 -20.64 -0.63
C TYR B 134 -3.12 -19.19 -0.86
N ASN B 135 -4.13 -18.34 -1.11
CA ASN B 135 -3.89 -16.88 -1.25
C ASN B 135 -4.15 -16.16 0.08
N PHE B 136 -3.18 -15.37 0.56
CA PHE B 136 -3.44 -14.62 1.82
C PHE B 136 -2.63 -13.38 1.72
N PRO B 137 -3.04 -12.49 0.79
CA PRO B 137 -2.18 -11.39 0.42
C PRO B 137 -1.93 -10.43 1.59
N ALA B 138 -2.86 -10.32 2.54
CA ALA B 138 -2.56 -9.46 3.72
C ALA B 138 -1.28 -9.93 4.49
N LEU B 139 -1.01 -11.24 4.53
CA LEU B 139 0.25 -11.74 5.14
C LEU B 139 1.39 -11.96 4.13
N THR B 140 1.07 -12.42 2.90
CA THR B 140 2.16 -12.73 1.96
C THR B 140 2.73 -11.53 1.30
N GLY B 141 1.92 -10.46 1.19
CA GLY B 141 2.36 -9.34 0.42
C GLY B 141 2.40 -9.58 -1.08
N GLN B 142 1.78 -10.66 -1.55
CA GLN B 142 1.82 -10.99 -2.97
C GLN B 142 0.58 -11.73 -3.32
N ASP B 143 -0.29 -11.08 -4.07
CA ASP B 143 -1.59 -11.67 -4.43
C ASP B 143 -1.51 -12.79 -5.49
N LEU B 144 -2.29 -13.84 -5.34
CA LEU B 144 -2.40 -14.83 -6.40
C LEU B 144 -3.59 -14.39 -7.22
N THR B 145 -3.36 -13.75 -8.33
CA THR B 145 -4.48 -13.09 -9.05
C THR B 145 -5.27 -14.17 -9.76
N PRO B 146 -6.54 -13.91 -10.02
CA PRO B 146 -7.34 -14.85 -10.83
C PRO B 146 -6.59 -15.32 -12.12
N ALA B 147 -5.90 -14.43 -12.82
CA ALA B 147 -5.25 -14.78 -14.09
C ALA B 147 -4.12 -15.76 -13.83
N LEU B 148 -3.31 -15.45 -12.81
CA LEU B 148 -2.23 -16.34 -12.42
C LEU B 148 -2.71 -17.74 -12.00
N VAL B 149 -3.72 -17.77 -11.14
CA VAL B 149 -4.32 -19.03 -10.72
C VAL B 149 -4.83 -19.79 -11.93
N LYS B 150 -5.50 -19.13 -12.85
CA LYS B 150 -5.93 -19.83 -14.12
C LYS B 150 -4.78 -20.48 -14.93
N THR B 151 -3.67 -19.75 -15.09
CA THR B 151 -2.46 -20.21 -15.75
C THR B 151 -1.91 -21.43 -14.99
N LEU B 152 -1.85 -21.42 -13.65
CA LEU B 152 -1.49 -22.63 -12.86
C LEU B 152 -2.42 -23.82 -13.08
N ALA B 153 -3.73 -23.59 -13.02
CA ALA B 153 -4.68 -24.71 -13.28
C ALA B 153 -4.57 -25.21 -14.76
N ASP B 154 -4.29 -24.31 -15.75
CA ASP B 154 -4.05 -24.73 -17.16
C ASP B 154 -2.79 -25.64 -17.17
N SER B 155 -1.80 -25.36 -16.33
CA SER B 155 -0.50 -26.00 -16.50
C SER B 155 -0.35 -27.35 -15.79
N ARG B 156 -1.04 -27.52 -14.67
CA ARG B 156 -0.94 -28.78 -13.88
C ARG B 156 -2.30 -29.31 -13.48
N SER B 157 -2.67 -30.49 -13.97
CA SER B 157 -4.02 -30.94 -13.71
C SER B 157 -4.23 -31.39 -12.25
N ASN B 158 -3.17 -31.51 -11.47
CA ASN B 158 -3.42 -31.74 -10.06
C ASN B 158 -3.56 -30.41 -9.23
N ILE B 159 -3.52 -29.24 -9.90
CA ILE B 159 -3.78 -27.98 -9.19
C ILE B 159 -5.27 -27.71 -9.35
N ILE B 160 -6.03 -28.04 -8.30
CA ILE B 160 -7.48 -28.19 -8.43
C ILE B 160 -8.31 -27.25 -7.55
N GLY B 161 -7.69 -26.31 -6.85
CA GLY B 161 -8.48 -25.41 -6.04
C GLY B 161 -7.71 -24.33 -5.38
N ILE B 162 -8.43 -23.47 -4.67
CA ILE B 162 -7.81 -22.33 -4.02
C ILE B 162 -8.59 -22.00 -2.75
N LYS B 163 -7.83 -21.69 -1.73
CA LYS B 163 -8.39 -21.08 -0.53
C LYS B 163 -8.03 -19.60 -0.68
N ASP B 164 -9.04 -18.77 -0.80
CA ASP B 164 -8.77 -17.36 -1.09
C ASP B 164 -9.08 -16.58 0.18
N THR B 165 -8.06 -16.11 0.88
CA THR B 165 -8.30 -15.46 2.18
C THR B 165 -8.14 -13.98 1.97
N ILE B 166 -9.24 -13.29 1.80
CA ILE B 166 -9.20 -11.86 1.49
C ILE B 166 -10.58 -11.30 1.77
N ASP B 167 -10.64 -10.10 2.33
CA ASP B 167 -11.94 -9.51 2.60
C ASP B 167 -12.27 -8.72 1.34
N SER B 168 -12.77 -9.40 0.31
CA SER B 168 -13.02 -8.72 -0.93
C SER B 168 -13.96 -9.53 -1.81
N VAL B 169 -15.19 -9.06 -1.93
CA VAL B 169 -16.14 -9.65 -2.85
C VAL B 169 -15.61 -9.67 -4.28
N ALA B 170 -15.02 -8.57 -4.75
CA ALA B 170 -14.47 -8.52 -6.13
C ALA B 170 -13.45 -9.62 -6.42
N HIS B 171 -12.59 -9.92 -5.46
CA HIS B 171 -11.52 -10.92 -5.64
C HIS B 171 -12.13 -12.32 -5.72
N LEU B 172 -13.07 -12.63 -4.81
CA LEU B 172 -13.79 -13.90 -4.90
C LEU B 172 -14.58 -14.03 -6.21
N ARG B 173 -15.33 -12.99 -6.56
CA ARG B 173 -16.12 -13.03 -7.76
C ARG B 173 -15.20 -13.32 -8.96
N SER B 174 -14.09 -12.56 -9.06
CA SER B 174 -13.23 -12.63 -10.22
C SER B 174 -12.47 -13.98 -10.26
N MET B 175 -12.07 -14.49 -9.09
CA MET B 175 -11.47 -15.83 -8.98
C MET B 175 -12.46 -16.87 -9.56
N ILE B 176 -13.73 -16.81 -9.13
CA ILE B 176 -14.74 -17.70 -9.63
C ILE B 176 -14.95 -17.56 -11.17
N HIS B 177 -15.25 -16.35 -11.66
N HIS B 177 -15.25 -16.35 -11.65
CA HIS B 177 -15.45 -16.18 -13.12
CA HIS B 177 -15.45 -16.12 -13.10
C HIS B 177 -14.25 -16.60 -13.99
C HIS B 177 -14.26 -16.60 -13.96
N THR B 178 -13.04 -16.21 -13.61
CA THR B 178 -11.88 -16.45 -14.40
C THR B 178 -11.45 -17.95 -14.32
N VAL B 179 -11.35 -18.52 -13.12
CA VAL B 179 -10.80 -19.83 -12.98
C VAL B 179 -11.86 -20.89 -13.20
N LYS B 180 -13.00 -20.80 -12.51
CA LYS B 180 -14.06 -21.79 -12.76
C LYS B 180 -14.64 -21.69 -14.16
N GLY B 181 -14.53 -20.51 -14.80
CA GLY B 181 -15.06 -20.33 -16.16
C GLY B 181 -14.28 -21.18 -17.16
N ALA B 182 -12.96 -21.26 -17.00
CA ALA B 182 -12.09 -22.13 -17.78
C ALA B 182 -12.08 -23.58 -17.26
N HIS B 183 -12.30 -23.79 -15.95
CA HIS B 183 -12.15 -25.10 -15.24
C HIS B 183 -13.32 -25.31 -14.26
N PRO B 184 -14.44 -25.82 -14.78
CA PRO B 184 -15.68 -25.85 -14.02
C PRO B 184 -15.60 -26.50 -12.68
N HIS B 185 -14.76 -27.50 -12.56
CA HIS B 185 -14.59 -28.26 -11.32
C HIS B 185 -13.42 -27.78 -10.45
N PHE B 186 -12.76 -26.70 -10.83
CA PHE B 186 -11.78 -26.07 -9.93
C PHE B 186 -12.49 -25.55 -8.63
N THR B 187 -11.98 -25.87 -7.46
CA THR B 187 -12.70 -25.52 -6.24
C THR B 187 -12.32 -24.11 -5.76
N VAL B 188 -13.30 -23.26 -5.51
CA VAL B 188 -12.96 -21.97 -4.84
C VAL B 188 -13.53 -21.90 -3.43
N LEU B 189 -12.63 -21.73 -2.48
CA LEU B 189 -13.04 -21.67 -1.06
C LEU B 189 -12.63 -20.35 -0.44
N CYS B 190 -13.52 -19.71 0.30
CA CYS B 190 -13.10 -18.45 0.93
C CYS B 190 -12.44 -18.74 2.25
N GLY B 191 -11.49 -17.89 2.67
CA GLY B 191 -10.86 -18.15 3.94
C GLY B 191 -11.43 -17.34 5.09
N TYR B 192 -12.41 -16.47 4.84
CA TYR B 192 -13.03 -15.65 5.94
C TYR B 192 -14.48 -16.08 6.16
N ASP B 193 -14.87 -16.20 7.43
CA ASP B 193 -16.19 -16.67 7.80
C ASP B 193 -17.30 -15.84 7.16
N ASP B 194 -17.09 -14.53 7.11
CA ASP B 194 -18.17 -13.66 6.67
C ASP B 194 -18.26 -13.59 5.15
N HIS B 195 -17.51 -14.45 4.43
CA HIS B 195 -17.67 -14.49 2.96
C HIS B 195 -18.25 -15.82 2.45
N LEU B 196 -18.65 -16.69 3.37
CA LEU B 196 -19.11 -18.02 2.96
C LEU B 196 -20.35 -17.92 2.11
N PHE B 197 -21.31 -17.15 2.59
CA PHE B 197 -22.60 -16.99 1.95
C PHE B 197 -22.49 -16.43 0.52
N ASN B 198 -21.74 -15.32 0.38
CA ASN B 198 -21.48 -14.68 -0.90
C ASN B 198 -20.72 -15.59 -1.84
N THR B 199 -19.74 -16.35 -1.29
CA THR B 199 -18.97 -17.34 -2.04
C THR B 199 -19.90 -18.34 -2.75
N LEU B 200 -20.87 -18.84 -1.98
CA LEU B 200 -21.87 -19.76 -2.46
C LEU B 200 -22.76 -19.09 -3.50
N LEU B 201 -23.23 -17.86 -3.24
CA LEU B 201 -24.10 -17.20 -4.19
C LEU B 201 -23.35 -16.82 -5.47
N LEU B 202 -22.05 -16.65 -5.34
CA LEU B 202 -21.23 -16.29 -6.47
C LEU B 202 -20.91 -17.49 -7.37
N GLY B 203 -21.18 -18.70 -6.93
CA GLY B 203 -20.80 -19.92 -7.71
C GLY B 203 -19.58 -20.67 -7.13
N GLY B 204 -19.07 -20.23 -5.98
CA GLY B 204 -17.97 -20.89 -5.26
C GLY B 204 -18.45 -22.10 -4.47
N ASP B 205 -17.53 -22.70 -3.69
CA ASP B 205 -17.69 -24.03 -3.19
C ASP B 205 -17.71 -24.26 -1.68
N GLY B 206 -17.38 -23.25 -0.88
CA GLY B 206 -17.44 -23.40 0.57
C GLY B 206 -16.40 -22.49 1.19
N ALA B 207 -15.91 -22.89 2.38
CA ALA B 207 -15.01 -22.08 3.19
C ALA B 207 -14.08 -22.93 4.01
N ILE B 208 -12.86 -22.42 4.16
CA ILE B 208 -11.96 -22.87 5.14
C ILE B 208 -11.77 -21.67 6.08
N SER B 209 -12.55 -21.61 7.17
CA SER B 209 -12.48 -20.43 8.03
C SER B 209 -12.40 -20.77 9.51
N ALA B 210 -11.71 -19.90 10.27
CA ALA B 210 -11.41 -20.10 11.68
C ALA B 210 -12.61 -20.53 12.53
N SER B 211 -13.78 -19.98 12.30
CA SER B 211 -14.95 -20.36 13.15
C SER B 211 -15.39 -21.84 13.00
N GLY B 212 -14.85 -22.50 11.99
CA GLY B 212 -14.96 -23.94 11.87
C GLY B 212 -14.44 -24.66 13.11
N ASN B 213 -13.48 -24.09 13.82
CA ASN B 213 -13.03 -24.76 15.06
C ASN B 213 -14.00 -24.78 16.23
N PHE B 214 -14.78 -23.71 16.41
CA PHE B 214 -15.51 -23.54 17.67
C PHE B 214 -17.00 -23.45 17.44
N ALA B 215 -17.43 -23.03 16.25
CA ALA B 215 -18.82 -23.12 15.88
C ALA B 215 -19.05 -23.75 14.50
N PRO B 216 -18.59 -25.00 14.27
CA PRO B 216 -18.70 -25.54 12.90
C PRO B 216 -20.16 -25.61 12.45
N GLN B 217 -21.09 -25.74 13.41
CA GLN B 217 -22.49 -26.02 13.11
C GLN B 217 -23.13 -24.89 12.31
N VAL B 218 -22.63 -23.67 12.51
CA VAL B 218 -23.16 -22.52 11.81
C VAL B 218 -22.80 -22.63 10.31
N SER B 219 -21.55 -22.95 9.99
CA SER B 219 -21.17 -23.09 8.59
C SER B 219 -21.79 -24.34 7.97
N VAL B 220 -21.74 -25.43 8.70
CA VAL B 220 -22.29 -26.68 8.21
C VAL B 220 -23.79 -26.54 7.93
N ASN B 221 -24.52 -25.86 8.82
CA ASN B 221 -25.98 -25.66 8.61
C ASN B 221 -26.25 -24.67 7.50
N LEU B 222 -25.36 -23.68 7.35
CA LEU B 222 -25.51 -22.69 6.29
C LEU B 222 -25.43 -23.42 4.96
N LEU B 223 -24.40 -24.28 4.81
CA LEU B 223 -24.18 -25.02 3.59
C LEU B 223 -25.36 -25.99 3.31
N LYS B 224 -25.77 -26.76 4.33
CA LYS B 224 -26.89 -27.71 4.21
C LYS B 224 -28.14 -26.94 3.77
N ALA B 225 -28.48 -25.84 4.47
CA ALA B 225 -29.60 -24.96 4.04
C ALA B 225 -29.49 -24.51 2.58
N TRP B 226 -28.33 -24.00 2.20
CA TRP B 226 -28.12 -23.55 0.87
C TRP B 226 -28.32 -24.72 -0.15
N ARG B 227 -27.70 -25.86 0.12
CA ARG B 227 -27.84 -27.05 -0.71
C ARG B 227 -29.33 -27.52 -0.84
N ASP B 228 -30.13 -27.32 0.22
CA ASP B 228 -31.56 -27.65 0.23
C ASP B 228 -32.44 -26.60 -0.45
N GLY B 229 -31.87 -25.49 -0.92
CA GLY B 229 -32.66 -24.35 -1.46
C GLY B 229 -33.42 -23.46 -0.45
N ASP B 230 -33.10 -23.59 0.84
CA ASP B 230 -33.70 -22.76 1.86
C ASP B 230 -32.75 -21.56 2.08
N VAL B 231 -32.90 -20.58 1.20
CA VAL B 231 -32.00 -19.47 1.19
C VAL B 231 -32.15 -18.56 2.42
N ALA B 232 -33.36 -18.45 2.95
CA ALA B 232 -33.58 -17.59 4.11
C ALA B 232 -32.95 -18.21 5.33
N LYS B 233 -32.96 -19.52 5.43
CA LYS B 233 -32.30 -20.20 6.57
C LYS B 233 -30.75 -20.00 6.43
N ALA B 234 -30.25 -20.14 5.21
CA ALA B 234 -28.86 -19.91 4.95
C ALA B 234 -28.45 -18.50 5.35
N ALA B 235 -29.29 -17.52 4.97
CA ALA B 235 -29.06 -16.13 5.28
C ALA B 235 -29.10 -15.83 6.78
N GLY B 236 -29.91 -16.58 7.52
CA GLY B 236 -29.92 -16.48 8.98
C GLY B 236 -28.61 -16.89 9.59
N TYR B 237 -28.07 -18.05 9.20
CA TYR B 237 -26.71 -18.44 9.60
C TYR B 237 -25.69 -17.39 9.19
N HIS B 238 -25.90 -16.75 8.03
CA HIS B 238 -24.91 -15.82 7.49
C HIS B 238 -24.83 -14.63 8.46
N GLN B 239 -25.99 -14.27 9.02
CA GLN B 239 -26.04 -13.10 9.91
C GLN B 239 -25.17 -13.30 11.18
N THR B 240 -25.03 -14.53 11.63
CA THR B 240 -24.08 -14.87 12.69
C THR B 240 -22.61 -14.77 12.25
N LEU B 241 -22.33 -15.38 11.09
CA LEU B 241 -21.01 -15.38 10.51
C LEU B 241 -20.50 -13.98 10.17
N LEU B 242 -21.40 -13.08 9.75
CA LEU B 242 -21.09 -11.66 9.61
C LEU B 242 -20.46 -11.02 10.87
N GLN B 243 -20.85 -11.51 12.02
CA GLN B 243 -20.44 -10.90 13.30
C GLN B 243 -19.24 -11.61 13.90
N ILE B 244 -19.08 -12.91 13.65
CA ILE B 244 -17.95 -13.62 14.22
C ILE B 244 -16.57 -12.95 14.10
N PRO B 245 -16.16 -12.45 12.92
CA PRO B 245 -14.79 -11.95 12.80
C PRO B 245 -14.39 -10.71 13.62
N GLN B 246 -15.33 -10.05 14.26
CA GLN B 246 -15.00 -9.12 15.34
C GLN B 246 -13.96 -9.67 16.34
N MET B 247 -14.07 -10.95 16.67
CA MET B 247 -13.21 -11.53 17.71
C MET B 247 -11.76 -11.57 17.26
N TYR B 248 -11.53 -11.61 15.95
CA TYR B 248 -10.18 -11.71 15.45
C TYR B 248 -9.34 -10.48 15.67
N GLN B 249 -9.99 -9.38 15.99
CA GLN B 249 -9.30 -8.15 16.31
C GLN B 249 -8.70 -8.20 17.72
N LEU B 250 -9.03 -9.21 18.53
CA LEU B 250 -8.61 -9.20 19.91
C LEU B 250 -7.10 -9.31 20.07
N ASP B 251 -6.43 -10.02 19.17
CA ASP B 251 -4.98 -10.16 19.25
C ASP B 251 -4.42 -10.44 17.86
N THR B 252 -3.13 -10.21 17.65
CA THR B 252 -2.56 -10.67 16.44
C THR B 252 -1.17 -11.16 16.68
N PRO B 253 -0.89 -12.47 16.40
CA PRO B 253 -1.79 -13.44 15.76
C PRO B 253 -2.92 -13.80 16.68
N PHE B 254 -4.04 -14.21 16.08
CA PHE B 254 -5.24 -14.47 16.82
C PHE B 254 -5.51 -15.94 16.97
N VAL B 255 -4.49 -16.74 16.76
CA VAL B 255 -4.57 -18.16 17.04
C VAL B 255 -4.90 -18.45 18.53
N ASN B 256 -4.47 -17.56 19.41
CA ASN B 256 -4.93 -17.65 20.78
C ASN B 256 -6.41 -17.48 20.90
N VAL B 257 -6.99 -16.52 20.18
CA VAL B 257 -8.41 -16.27 20.32
C VAL B 257 -9.25 -17.47 19.90
N ILE B 258 -8.86 -18.11 18.78
CA ILE B 258 -9.56 -19.27 18.29
C ILE B 258 -9.54 -20.40 19.30
N LYS B 259 -8.39 -20.65 19.91
CA LYS B 259 -8.34 -21.69 21.00
C LYS B 259 -9.18 -21.33 22.19
N GLU B 260 -9.17 -20.03 22.60
CA GLU B 260 -9.96 -19.61 23.76
C GLU B 260 -11.40 -19.80 23.42
N ALA B 261 -11.71 -19.67 22.10
CA ALA B 261 -13.12 -19.85 21.65
C ALA B 261 -13.52 -21.29 21.67
N ILE B 262 -12.58 -22.17 21.41
CA ILE B 262 -12.93 -23.58 21.40
C ILE B 262 -13.31 -23.92 22.84
N VAL B 263 -12.49 -23.48 23.79
CA VAL B 263 -12.80 -23.77 25.25
C VAL B 263 -14.20 -23.28 25.71
N LEU B 264 -14.49 -22.00 25.45
CA LEU B 264 -15.75 -21.33 25.78
C LEU B 264 -16.94 -21.96 25.13
N CYS B 265 -16.78 -22.56 23.96
CA CYS B 265 -17.90 -23.22 23.28
C CYS B 265 -18.05 -24.70 23.69
N GLY B 266 -17.20 -25.19 24.59
CA GLY B 266 -17.51 -26.37 25.33
C GLY B 266 -16.53 -27.52 25.22
N ARG B 267 -15.34 -27.29 24.68
CA ARG B 267 -14.33 -28.31 24.51
C ARG B 267 -13.07 -27.90 25.26
N PRO B 268 -12.84 -28.48 26.46
CA PRO B 268 -11.73 -27.96 27.27
C PRO B 268 -10.35 -28.42 26.84
N VAL B 269 -9.70 -27.63 26.00
CA VAL B 269 -8.36 -28.01 25.57
C VAL B 269 -7.39 -27.02 26.18
N SER B 270 -6.14 -27.42 26.28
CA SER B 270 -5.11 -26.48 26.50
C SER B 270 -5.10 -25.41 25.39
N THR B 271 -4.96 -24.15 25.79
CA THR B 271 -4.94 -23.02 24.85
C THR B 271 -3.52 -22.53 24.53
N HIS B 272 -2.50 -23.21 25.04
CA HIS B 272 -1.16 -22.77 24.77
C HIS B 272 -0.96 -22.47 23.24
N VAL B 273 -0.12 -21.47 22.92
CA VAL B 273 0.20 -21.13 21.53
C VAL B 273 1.72 -20.90 21.45
N LEU B 274 2.27 -20.95 20.23
CA LEU B 274 3.70 -20.83 20.07
C LEU B 274 4.13 -19.37 19.85
N PRO B 275 5.27 -18.99 20.42
CA PRO B 275 5.76 -17.67 20.13
C PRO B 275 6.02 -17.51 18.61
N PRO B 276 5.84 -16.29 18.03
CA PRO B 276 5.60 -15.04 18.74
C PRO B 276 4.16 -14.72 19.10
N ALA B 277 3.23 -15.65 18.95
CA ALA B 277 1.94 -15.47 19.59
C ALA B 277 2.09 -15.58 21.15
N SER B 278 1.05 -15.19 21.89
CA SER B 278 1.16 -15.17 23.36
C SER B 278 -0.23 -15.42 23.89
N PRO B 279 -0.34 -15.92 25.13
CA PRO B 279 -1.69 -16.16 25.77
C PRO B 279 -2.58 -14.90 25.72
N LEU B 280 -3.86 -15.08 25.49
CA LEU B 280 -4.80 -13.96 25.57
C LEU B 280 -4.99 -13.54 27.06
N ASP B 281 -4.98 -12.26 27.36
CA ASP B 281 -5.18 -11.76 28.73
C ASP B 281 -6.61 -11.96 29.16
N GLU B 282 -6.85 -11.98 30.47
CA GLU B 282 -8.24 -12.18 31.01
C GLU B 282 -9.28 -11.17 30.54
N PRO B 283 -8.93 -9.88 30.54
CA PRO B 283 -9.99 -8.97 30.06
C PRO B 283 -10.43 -9.29 28.60
N ARG B 284 -9.52 -9.65 27.71
CA ARG B 284 -9.92 -9.93 26.34
C ARG B 284 -10.63 -11.30 26.21
N LYS B 285 -10.32 -12.28 27.09
CA LYS B 285 -11.01 -13.54 27.12
C LYS B 285 -12.47 -13.33 27.52
N ALA B 286 -12.72 -12.38 28.46
CA ALA B 286 -14.10 -12.08 28.88
C ALA B 286 -14.80 -11.40 27.70
N GLN B 287 -14.10 -10.52 26.98
CA GLN B 287 -14.70 -9.82 25.83
C GLN B 287 -15.11 -10.90 24.75
N LEU B 288 -14.22 -11.86 24.52
CA LEU B 288 -14.51 -13.00 23.63
C LEU B 288 -15.78 -13.74 24.07
N LYS B 289 -15.85 -14.04 25.37
CA LYS B 289 -16.99 -14.66 25.97
C LYS B 289 -18.29 -13.87 25.73
N THR B 290 -18.26 -12.53 25.84
CA THR B 290 -19.53 -11.81 25.71
C THR B 290 -19.96 -11.76 24.26
N LEU B 291 -18.97 -11.66 23.39
CA LEU B 291 -19.24 -11.81 21.99
C LEU B 291 -19.86 -13.17 21.65
N LEU B 292 -19.25 -14.25 22.14
CA LEU B 292 -19.84 -15.58 21.89
C LEU B 292 -21.24 -15.71 22.47
N GLN B 293 -21.48 -15.13 23.65
CA GLN B 293 -22.82 -15.23 24.28
C GLN B 293 -23.84 -14.42 23.48
N GLN B 294 -23.50 -13.21 23.09
CA GLN B 294 -24.41 -12.41 22.25
C GLN B 294 -24.82 -13.13 20.95
N LEU B 295 -23.99 -14.07 20.50
CA LEU B 295 -24.23 -14.74 19.22
C LEU B 295 -24.84 -16.09 19.47
N LYS B 296 -25.02 -16.40 20.76
CA LYS B 296 -25.66 -17.64 21.19
C LYS B 296 -24.79 -18.84 20.85
N LEU B 297 -23.49 -18.65 20.84
CA LEU B 297 -22.62 -19.75 20.52
C LEU B 297 -22.10 -20.51 21.74
N CYS B 298 -22.28 -19.95 22.93
CA CYS B 298 -21.99 -20.69 24.19
C CYS B 298 -22.97 -20.36 25.33
N ALA C 1 18.43 21.23 -23.21
CA ALA C 1 17.64 20.93 -22.00
C ALA C 1 16.97 22.12 -21.33
N LEU C 2 15.67 22.00 -21.15
CA LEU C 2 14.90 23.14 -20.70
C LEU C 2 14.63 23.07 -19.19
N PHE C 3 14.52 24.23 -18.52
CA PHE C 3 14.19 24.24 -17.11
C PHE C 3 15.09 23.35 -16.22
N THR C 4 16.40 23.54 -16.31
CA THR C 4 17.31 22.79 -15.48
C THR C 4 17.76 23.62 -14.30
N GLY C 5 18.39 23.00 -13.31
CA GLY C 5 19.00 23.77 -12.24
C GLY C 5 18.00 23.89 -11.10
N ILE C 6 18.05 25.02 -10.37
CA ILE C 6 17.29 25.20 -9.15
C ILE C 6 16.08 26.05 -9.45
N ILE C 7 14.89 25.43 -9.36
CA ILE C 7 13.66 26.14 -9.67
C ILE C 7 12.63 26.03 -8.50
N PRO C 8 12.59 27.01 -7.57
CA PRO C 8 11.74 26.86 -6.39
C PRO C 8 10.25 26.77 -6.72
N PRO C 9 9.52 25.89 -6.00
CA PRO C 9 8.09 26.00 -6.07
C PRO C 9 7.67 27.17 -5.12
N VAL C 10 7.40 28.32 -5.68
CA VAL C 10 7.23 29.49 -4.88
C VAL C 10 5.95 29.41 -4.06
N SER C 11 6.07 29.77 -2.78
CA SER C 11 4.88 29.92 -1.94
C SER C 11 4.03 31.10 -2.44
N THR C 12 2.70 30.97 -2.45
CA THR C 12 1.82 32.07 -2.75
C THR C 12 1.51 32.82 -1.39
N ILE C 13 1.83 34.10 -1.28
CA ILE C 13 1.58 34.84 -0.02
C ILE C 13 0.19 35.43 -0.03
N PHE C 14 -0.57 35.12 1.02
CA PHE C 14 -1.94 35.58 1.15
C PHE C 14 -2.15 36.55 2.34
N THR C 15 -3.10 37.45 2.18
CA THR C 15 -3.53 38.29 3.31
C THR C 15 -4.45 37.49 4.20
N ALA C 16 -4.81 38.07 5.35
CA ALA C 16 -5.61 37.37 6.35
C ALA C 16 -6.94 36.94 5.79
N ASP C 17 -7.42 37.64 4.79
CA ASP C 17 -8.68 37.22 4.20
C ASP C 17 -8.51 36.18 3.08
N GLY C 18 -7.31 35.65 2.91
CA GLY C 18 -7.07 34.67 1.86
C GLY C 18 -7.00 35.22 0.42
N GLN C 19 -6.68 36.49 0.24
CA GLN C 19 -6.44 37.00 -1.10
C GLN C 19 -4.94 37.10 -1.31
N LEU C 20 -4.55 37.16 -2.58
CA LEU C 20 -3.16 37.31 -2.96
C LEU C 20 -2.53 38.59 -2.40
N ASP C 21 -1.43 38.42 -1.69
CA ASP C 21 -0.72 39.51 -1.04
C ASP C 21 0.38 39.83 -2.07
N LYS C 22 0.16 40.91 -2.82
CA LYS C 22 1.04 41.27 -3.93
C LYS C 22 2.40 41.79 -3.45
N PRO C 23 2.43 42.72 -2.48
CA PRO C 23 3.76 43.12 -2.00
C PRO C 23 4.59 41.96 -1.44
N GLY C 24 3.97 41.06 -0.66
CA GLY C 24 4.76 39.95 -0.07
C GLY C 24 5.20 38.90 -1.08
N THR C 25 4.32 38.52 -2.01
CA THR C 25 4.69 37.57 -3.05
C THR C 25 5.81 38.21 -3.92
N ALA C 26 5.68 39.50 -4.23
CA ALA C 26 6.68 40.23 -5.05
C ALA C 26 8.09 40.26 -4.41
N ALA C 27 8.14 40.62 -3.13
CA ALA C 27 9.36 40.59 -2.33
C ALA C 27 9.95 39.17 -2.32
N LEU C 28 9.11 38.15 -2.15
CA LEU C 28 9.64 36.77 -2.13
C LEU C 28 10.22 36.40 -3.50
N ILE C 29 9.50 36.72 -4.57
CA ILE C 29 10.00 36.51 -5.94
C ILE C 29 11.38 37.18 -6.13
N ASP C 30 11.52 38.43 -5.67
CA ASP C 30 12.75 39.17 -5.86
C ASP C 30 13.90 38.54 -5.03
N ASP C 31 13.61 38.15 -3.79
CA ASP C 31 14.63 37.51 -2.97
C ASP C 31 15.18 36.30 -3.71
N LEU C 32 14.27 35.49 -4.24
CA LEU C 32 14.62 34.28 -4.96
C LEU C 32 15.48 34.55 -6.18
N ILE C 33 15.13 35.56 -7.00
CA ILE C 33 15.86 35.88 -8.23
C ILE C 33 17.25 36.38 -7.88
N LYS C 34 17.37 37.24 -6.86
CA LYS C 34 18.66 37.73 -6.34
C LYS C 34 19.58 36.59 -5.85
N ALA C 35 18.98 35.54 -5.30
CA ALA C 35 19.76 34.41 -4.77
C ALA C 35 20.33 33.57 -5.92
N GLY C 36 19.97 33.87 -7.17
CA GLY C 36 20.53 33.10 -8.31
C GLY C 36 19.80 31.85 -8.79
N VAL C 37 18.56 31.64 -8.39
CA VAL C 37 17.77 30.54 -8.97
C VAL C 37 17.68 30.60 -10.52
N ASP C 38 17.41 29.47 -11.14
CA ASP C 38 17.42 29.31 -12.55
C ASP C 38 16.05 29.45 -13.19
N GLY C 39 15.03 29.65 -12.37
CA GLY C 39 13.63 29.69 -12.87
C GLY C 39 12.73 29.72 -11.65
N LEU C 40 11.43 29.97 -11.88
CA LEU C 40 10.50 29.99 -10.75
C LEU C 40 9.24 29.24 -11.14
N PHE C 41 8.71 28.45 -10.22
CA PHE C 41 7.53 27.64 -10.46
C PHE C 41 6.39 28.08 -9.50
N PHE C 42 5.29 28.59 -10.08
CA PHE C 42 4.14 29.11 -9.33
C PHE C 42 2.99 28.09 -9.37
N LEU C 43 2.22 27.98 -8.29
CA LEU C 43 1.08 27.07 -8.27
C LEU C 43 1.42 25.56 -8.41
N GLY C 44 2.55 25.16 -7.87
CA GLY C 44 2.76 23.77 -7.47
C GLY C 44 2.09 23.50 -6.15
N SER C 45 2.40 22.32 -5.56
CA SER C 45 1.75 21.89 -4.29
C SER C 45 2.04 22.89 -3.16
N GLY C 46 3.28 23.35 -3.08
CA GLY C 46 3.67 24.36 -2.08
C GLY C 46 3.05 25.76 -2.33
N GLY C 47 2.72 26.09 -3.60
CA GLY C 47 1.95 27.32 -3.92
C GLY C 47 0.42 27.19 -3.73
N GLU C 48 -0.03 26.03 -3.24
CA GLU C 48 -1.36 25.78 -2.79
C GLU C 48 -2.37 25.71 -3.88
N PHE C 49 -1.97 25.25 -5.09
CA PHE C 49 -2.87 25.22 -6.29
C PHE C 49 -4.20 24.49 -5.97
N SER C 50 -4.12 23.41 -5.18
CA SER C 50 -5.24 22.52 -4.88
C SER C 50 -6.23 23.16 -3.87
N GLN C 51 -5.84 24.26 -3.27
CA GLN C 51 -6.82 24.97 -2.39
C GLN C 51 -7.41 26.27 -2.98
N LEU C 52 -7.13 26.48 -4.26
CA LEU C 52 -7.49 27.71 -4.99
C LEU C 52 -8.52 27.44 -6.11
N GLY C 53 -9.35 28.46 -6.42
CA GLY C 53 -10.27 28.30 -7.53
C GLY C 53 -9.58 28.66 -8.80
N ALA C 54 -10.16 28.27 -9.92
CA ALA C 54 -9.56 28.57 -11.23
C ALA C 54 -9.30 30.09 -11.49
N GLU C 55 -10.28 30.94 -11.14
CA GLU C 55 -10.11 32.37 -11.34
C GLU C 55 -9.03 32.93 -10.43
N GLU C 56 -8.94 32.40 -9.20
CA GLU C 56 -7.82 32.76 -8.36
C GLU C 56 -6.50 32.35 -8.96
N ARG C 57 -6.41 31.14 -9.48
CA ARG C 57 -5.14 30.63 -10.07
C ARG C 57 -4.70 31.48 -11.24
N LYS C 58 -5.67 31.85 -12.07
CA LYS C 58 -5.34 32.73 -13.21
C LYS C 58 -4.78 34.05 -12.72
N ALA C 59 -5.45 34.61 -11.69
CA ALA C 59 -4.98 35.94 -11.22
C ALA C 59 -3.57 35.84 -10.67
N ILE C 60 -3.29 34.72 -9.97
CA ILE C 60 -1.98 34.55 -9.36
C ILE C 60 -0.92 34.37 -10.44
N ALA C 61 -1.17 33.48 -11.40
CA ALA C 61 -0.16 33.30 -12.44
C ALA C 61 0.12 34.62 -13.19
N ARG C 62 -0.95 35.34 -13.50
CA ARG C 62 -0.79 36.59 -14.27
C ARG C 62 0.13 37.55 -13.49
N PHE C 63 -0.21 37.75 -12.21
CA PHE C 63 0.60 38.57 -11.33
C PHE C 63 2.07 38.11 -11.28
N ALA C 64 2.25 36.82 -11.05
CA ALA C 64 3.61 36.29 -10.84
C ALA C 64 4.43 36.39 -12.13
N ILE C 65 3.84 36.07 -13.29
CA ILE C 65 4.56 36.20 -14.54
C ILE C 65 5.00 37.65 -14.76
N ASP C 66 4.06 38.56 -14.48
CA ASP C 66 4.25 39.99 -14.72
C ASP C 66 5.32 40.51 -13.84
N HIS C 67 5.21 40.18 -12.54
CA HIS C 67 6.27 40.62 -11.67
C HIS C 67 7.64 40.11 -12.09
N VAL C 68 7.76 38.83 -12.49
CA VAL C 68 9.07 38.28 -12.80
C VAL C 68 9.67 39.01 -14.01
N ASP C 69 8.81 39.35 -14.95
CA ASP C 69 9.15 40.23 -16.09
C ASP C 69 10.32 39.64 -16.88
N ARG C 70 10.25 38.33 -17.14
CA ARG C 70 11.25 37.60 -17.92
C ARG C 70 12.69 37.60 -17.36
N ARG C 71 12.88 38.00 -16.09
CA ARG C 71 14.24 37.91 -15.51
C ARG C 71 14.75 36.42 -15.39
N VAL C 72 13.81 35.49 -15.16
CA VAL C 72 14.10 34.09 -15.18
C VAL C 72 12.90 33.38 -15.84
N PRO C 73 13.13 32.19 -16.38
CA PRO C 73 12.02 31.39 -16.84
C PRO C 73 10.98 31.11 -15.74
N VAL C 74 9.71 31.15 -16.17
CA VAL C 74 8.57 30.95 -15.33
C VAL C 74 7.72 29.74 -15.76
N LEU C 75 7.38 28.89 -14.75
CA LEU C 75 6.50 27.76 -14.92
C LEU C 75 5.26 27.96 -14.15
N ILE C 76 4.17 27.51 -14.68
CA ILE C 76 2.90 27.62 -14.00
C ILE C 76 2.34 26.24 -13.91
N GLY C 77 1.93 25.86 -12.71
CA GLY C 77 1.21 24.61 -12.49
C GLY C 77 -0.24 24.72 -12.88
N THR C 78 -0.66 23.89 -13.84
CA THR C 78 -2.00 24.04 -14.36
C THR C 78 -2.92 22.89 -14.12
N GLY C 79 -2.46 21.88 -13.40
CA GLY C 79 -3.20 20.63 -13.33
C GLY C 79 -4.20 20.61 -12.19
N GLY C 80 -4.91 19.49 -12.10
CA GLY C 80 -6.08 19.33 -11.23
C GLY C 80 -6.72 18.03 -11.69
N THR C 81 -7.99 17.83 -11.31
CA THR C 81 -8.81 16.71 -11.76
C THR C 81 -9.76 17.06 -12.95
N ASN C 82 -10.10 18.35 -13.05
CA ASN C 82 -10.98 18.87 -14.13
C ASN C 82 -10.11 19.12 -15.39
N ALA C 83 -10.03 18.15 -16.29
CA ALA C 83 -9.18 18.26 -17.48
C ALA C 83 -9.56 19.43 -18.41
N ARG C 84 -10.85 19.70 -18.55
CA ARG C 84 -11.23 20.98 -19.30
C ARG C 84 -10.63 22.22 -18.60
N GLU C 85 -10.65 22.22 -17.27
CA GLU C 85 -10.01 23.33 -16.55
C GLU C 85 -8.49 23.35 -16.74
N THR C 86 -7.87 22.16 -16.79
CA THR C 86 -6.44 22.14 -17.01
C THR C 86 -6.09 22.80 -18.35
N ILE C 87 -6.81 22.47 -19.42
CA ILE C 87 -6.63 23.15 -20.74
C ILE C 87 -6.86 24.69 -20.65
N GLU C 88 -7.91 25.11 -20.01
CA GLU C 88 -8.15 26.57 -19.84
C GLU C 88 -6.99 27.25 -19.08
N LEU C 89 -6.57 26.67 -17.94
CA LEU C 89 -5.46 27.23 -17.17
C LEU C 89 -4.15 27.24 -17.96
N SER C 90 -3.94 26.22 -18.78
CA SER C 90 -2.71 26.13 -19.54
C SER C 90 -2.69 27.10 -20.71
N GLN C 91 -3.81 27.23 -21.41
CA GLN C 91 -3.88 28.23 -22.50
C GLN C 91 -3.81 29.66 -21.90
N HIS C 92 -4.46 29.86 -20.75
CA HIS C 92 -4.30 31.13 -20.02
C HIS C 92 -2.84 31.40 -19.66
N ALA C 93 -2.14 30.37 -19.16
CA ALA C 93 -0.72 30.57 -18.86
C ALA C 93 0.10 31.03 -20.05
N GLN C 94 -0.14 30.39 -21.16
CA GLN C 94 0.61 30.73 -22.38
C GLN C 94 0.31 32.21 -22.76
N GLN C 95 -0.96 32.56 -22.83
CA GLN C 95 -1.39 33.94 -23.20
C GLN C 95 -0.89 34.97 -22.23
N ALA C 96 -0.72 34.59 -20.95
CA ALA C 96 -0.20 35.48 -19.92
C ALA C 96 1.32 35.60 -19.96
N GLY C 97 1.96 34.82 -20.81
CA GLY C 97 3.42 34.95 -21.00
C GLY C 97 4.31 34.00 -20.21
N ALA C 98 3.71 32.97 -19.62
CA ALA C 98 4.52 31.88 -18.96
C ALA C 98 5.50 31.20 -19.94
N ASP C 99 6.61 30.65 -19.43
CA ASP C 99 7.53 29.90 -20.30
C ASP C 99 7.25 28.41 -20.45
N GLY C 100 6.46 27.88 -19.53
CA GLY C 100 6.12 26.45 -19.54
C GLY C 100 5.04 26.18 -18.51
N ILE C 101 4.44 25.00 -18.60
CA ILE C 101 3.44 24.58 -17.65
C ILE C 101 3.88 23.28 -17.01
N VAL C 102 3.39 23.03 -15.78
CA VAL C 102 3.75 21.83 -14.99
C VAL C 102 2.41 21.16 -14.76
N VAL C 103 2.29 19.86 -15.11
CA VAL C 103 0.99 19.20 -15.11
C VAL C 103 1.11 17.90 -14.35
N ILE C 104 0.46 17.82 -13.19
CA ILE C 104 0.35 16.60 -12.41
C ILE C 104 -0.70 15.65 -13.07
N ASN C 105 -0.62 14.35 -12.79
CA ASN C 105 -1.71 13.45 -13.20
C ASN C 105 -2.97 13.63 -12.36
N PRO C 106 -4.13 13.30 -12.93
CA PRO C 106 -5.37 13.44 -12.20
C PRO C 106 -5.33 12.64 -10.97
N TYR C 107 -5.73 13.21 -9.82
CA TYR C 107 -5.43 12.60 -8.52
C TYR C 107 -6.65 12.20 -7.74
N TYR C 108 -7.83 12.33 -8.36
CA TYR C 108 -9.02 11.74 -7.70
C TYR C 108 -9.14 10.30 -8.21
N TRP C 109 -9.86 10.09 -9.31
CA TRP C 109 -9.80 8.86 -10.11
C TRP C 109 -8.37 8.66 -10.54
N LYS C 110 -7.88 7.41 -10.51
CA LYS C 110 -6.56 7.10 -11.02
C LYS C 110 -6.99 6.54 -12.39
N VAL C 111 -6.92 7.38 -13.42
CA VAL C 111 -7.45 6.90 -14.68
C VAL C 111 -6.59 5.77 -15.33
N SER C 112 -7.24 4.86 -16.04
CA SER C 112 -6.58 3.87 -16.91
C SER C 112 -5.43 4.51 -17.65
N GLU C 113 -4.47 3.67 -18.01
CA GLU C 113 -3.33 4.11 -18.71
C GLU C 113 -3.69 4.79 -20.04
N ALA C 114 -4.66 4.23 -20.78
CA ALA C 114 -5.04 4.81 -22.06
C ALA C 114 -5.62 6.21 -21.79
N ASN C 115 -6.45 6.37 -20.76
CA ASN C 115 -7.03 7.72 -20.46
C ASN C 115 -5.92 8.63 -19.98
N LEU C 116 -4.87 8.08 -19.43
CA LEU C 116 -3.89 9.00 -18.86
C LEU C 116 -3.01 9.53 -19.93
N ILE C 117 -2.60 8.67 -20.84
CA ILE C 117 -1.81 9.08 -21.98
C ILE C 117 -2.62 10.10 -22.81
N ARG C 118 -3.91 9.84 -23.05
N ARG C 118 -3.90 9.82 -23.03
CA ARG C 118 -4.74 10.81 -23.79
CA ARG C 118 -4.77 10.73 -23.76
C ARG C 118 -4.80 12.14 -23.06
C ARG C 118 -4.94 12.08 -23.07
N TYR C 119 -4.98 12.07 -21.75
CA TYR C 119 -5.03 13.34 -20.98
C TYR C 119 -3.80 14.23 -21.22
N PHE C 120 -2.63 13.66 -20.97
CA PHE C 120 -1.39 14.42 -21.19
C PHE C 120 -1.22 14.86 -22.66
N GLU C 121 -1.60 14.02 -23.64
CA GLU C 121 -1.43 14.36 -25.06
C GLU C 121 -2.35 15.57 -25.38
N GLN C 122 -3.61 15.51 -24.94
CA GLN C 122 -4.57 16.64 -25.05
C GLN C 122 -4.09 17.91 -24.38
N VAL C 123 -3.53 17.80 -23.17
CA VAL C 123 -2.99 19.01 -22.53
C VAL C 123 -1.81 19.55 -23.34
N ALA C 124 -0.91 18.65 -23.73
CA ALA C 124 0.27 19.07 -24.52
C ALA C 124 -0.12 19.70 -25.88
N ASP C 125 -1.19 19.21 -26.51
CA ASP C 125 -1.72 19.72 -27.81
C ASP C 125 -2.43 21.03 -27.70
N SER C 126 -2.73 21.45 -26.47
CA SER C 126 -3.55 22.62 -26.28
C SER C 126 -2.70 23.86 -26.21
N VAL C 127 -1.39 23.70 -26.08
CA VAL C 127 -0.49 24.85 -26.01
C VAL C 127 0.73 24.60 -26.89
N THR C 128 1.56 25.61 -27.13
CA THR C 128 2.83 25.36 -27.82
C THR C 128 3.98 25.62 -26.87
N LEU C 129 3.70 25.70 -25.60
CA LEU C 129 4.67 25.86 -24.57
C LEU C 129 5.27 24.46 -24.28
N PRO C 130 6.48 24.44 -23.73
CA PRO C 130 7.00 23.21 -23.12
C PRO C 130 6.11 22.77 -21.94
N VAL C 131 6.02 21.45 -21.75
CA VAL C 131 5.26 20.84 -20.67
C VAL C 131 6.16 19.98 -19.78
N MET C 132 6.14 20.26 -18.48
CA MET C 132 6.84 19.46 -17.48
C MET C 132 5.74 18.63 -16.81
N LEU C 133 5.96 17.33 -16.74
CA LEU C 133 5.10 16.45 -15.98
C LEU C 133 5.44 16.55 -14.49
N TYR C 134 4.51 16.12 -13.63
CA TYR C 134 4.70 16.23 -12.19
C TYR C 134 4.24 14.92 -11.58
N ASN C 135 5.20 14.14 -11.07
CA ASN C 135 4.93 12.88 -10.36
C ASN C 135 4.97 13.08 -8.85
N PHE C 136 3.90 12.77 -8.11
CA PHE C 136 3.83 12.93 -6.64
C PHE C 136 2.95 11.81 -6.16
N PRO C 137 3.44 10.56 -6.27
CA PRO C 137 2.52 9.45 -5.99
C PRO C 137 2.11 9.33 -4.52
N ALA C 138 2.90 9.82 -3.56
CA ALA C 138 2.35 9.82 -2.16
C ALA C 138 0.98 10.53 -2.08
N LEU C 139 0.79 11.59 -2.88
CA LEU C 139 -0.52 12.32 -2.88
C LEU C 139 -1.49 11.85 -3.95
N THR C 140 -0.97 11.56 -5.15
CA THR C 140 -1.83 11.14 -6.26
C THR C 140 -2.38 9.75 -6.16
N GLY C 141 -1.67 8.84 -5.51
CA GLY C 141 -2.04 7.43 -5.53
C GLY C 141 -1.79 6.77 -6.89
N GLN C 142 -0.99 7.35 -7.76
CA GLN C 142 -0.79 6.71 -9.08
C GLN C 142 0.54 7.17 -9.60
N ASP C 143 1.49 6.24 -9.66
CA ASP C 143 2.84 6.64 -10.07
C ASP C 143 2.97 6.94 -11.61
N LEU C 144 3.73 7.97 -12.01
CA LEU C 144 4.13 8.08 -13.39
C LEU C 144 5.41 7.29 -13.51
N THR C 145 5.33 6.05 -13.98
CA THR C 145 6.50 5.20 -14.07
C THR C 145 7.48 5.72 -15.15
N PRO C 146 8.75 5.40 -14.98
CA PRO C 146 9.69 5.77 -16.05
C PRO C 146 9.18 5.28 -17.45
N ALA C 147 8.64 4.06 -17.54
CA ALA C 147 8.13 3.56 -18.83
C ALA C 147 7.00 4.44 -19.40
N LEU C 148 6.05 4.82 -18.54
CA LEU C 148 4.97 5.72 -18.97
C LEU C 148 5.50 7.09 -19.41
N VAL C 149 6.45 7.62 -18.64
CA VAL C 149 7.03 8.91 -18.95
C VAL C 149 7.75 8.87 -20.29
N LYS C 150 8.54 7.82 -20.52
CA LYS C 150 9.18 7.59 -21.82
C LYS C 150 8.15 7.58 -22.99
N THR C 151 7.08 6.82 -22.82
CA THR C 151 5.96 6.78 -23.81
C THR C 151 5.39 8.19 -24.09
N LEU C 152 5.19 9.03 -23.04
CA LEU C 152 4.74 10.41 -23.25
C LEU C 152 5.77 11.24 -23.96
N ALA C 153 7.05 11.09 -23.60
CA ALA C 153 8.06 11.87 -24.34
C ALA C 153 8.21 11.37 -25.83
N ASP C 154 7.97 10.08 -26.07
CA ASP C 154 8.04 9.55 -27.45
C ASP C 154 6.87 10.14 -28.25
N SER C 155 5.77 10.46 -27.57
CA SER C 155 4.51 10.78 -28.21
C SER C 155 4.39 12.25 -28.60
N ARG C 156 4.87 13.14 -27.69
CA ARG C 156 4.77 14.59 -27.84
C ARG C 156 6.10 15.28 -27.62
N SER C 157 6.57 16.01 -28.62
CA SER C 157 7.89 16.63 -28.54
C SER C 157 7.89 17.87 -27.63
N ASN C 158 6.71 18.31 -27.16
CA ASN C 158 6.71 19.40 -26.14
C ASN C 158 6.52 18.87 -24.68
N ILE C 159 6.53 17.56 -24.50
CA ILE C 159 6.67 16.99 -23.16
C ILE C 159 8.14 16.75 -22.92
N ILE C 160 8.77 17.68 -22.21
CA ILE C 160 10.23 17.80 -22.20
C ILE C 160 10.88 17.67 -20.82
N GLY C 161 10.10 17.28 -19.81
CA GLY C 161 10.66 17.15 -18.47
C GLY C 161 9.72 16.56 -17.45
N ILE C 162 10.28 16.26 -16.27
CA ILE C 162 9.46 15.78 -15.15
C ILE C 162 10.03 16.31 -13.82
N LYS C 163 9.09 16.67 -12.95
CA LYS C 163 9.38 16.91 -11.56
C LYS C 163 8.99 15.61 -10.81
N ASP C 164 9.96 14.90 -10.31
CA ASP C 164 9.70 13.58 -9.74
C ASP C 164 9.81 13.71 -8.24
N THR C 165 8.66 13.79 -7.56
CA THR C 165 8.64 14.01 -6.12
C THR C 165 8.40 12.71 -5.46
N ILE C 166 9.46 12.10 -4.97
CA ILE C 166 9.37 10.76 -4.36
C ILE C 166 10.67 10.53 -3.57
N ASP C 167 10.57 9.94 -2.41
CA ASP C 167 11.80 9.69 -1.63
C ASP C 167 12.28 8.30 -2.09
N SER C 168 12.93 8.27 -3.24
CA SER C 168 13.32 6.97 -3.80
C SER C 168 14.44 7.19 -4.79
N VAL C 169 15.62 6.69 -4.44
CA VAL C 169 16.76 6.75 -5.32
C VAL C 169 16.50 5.90 -6.57
N ALA C 170 15.95 4.72 -6.38
CA ALA C 170 15.64 3.88 -7.50
C ALA C 170 14.74 4.59 -8.50
N HIS C 171 13.72 5.29 -8.01
CA HIS C 171 12.78 5.91 -8.94
C HIS C 171 13.47 7.02 -9.78
N LEU C 172 14.29 7.85 -9.13
CA LEU C 172 15.11 8.82 -9.86
C LEU C 172 16.08 8.22 -10.85
N ARG C 173 16.80 7.16 -10.46
CA ARG C 173 17.82 6.57 -11.28
C ARG C 173 17.11 6.00 -12.52
N SER C 174 16.01 5.31 -12.28
CA SER C 174 15.32 4.63 -13.34
C SER C 174 14.68 5.65 -14.33
N MET C 175 14.12 6.76 -13.80
CA MET C 175 13.56 7.81 -14.61
C MET C 175 14.65 8.41 -15.49
N ILE C 176 15.83 8.70 -14.91
CA ILE C 176 16.97 9.12 -15.69
C ILE C 176 17.42 8.11 -16.75
N HIS C 177 17.74 6.87 -16.39
N HIS C 177 17.73 6.87 -16.38
CA HIS C 177 18.16 5.85 -17.38
CA HIS C 177 18.13 5.81 -17.35
C HIS C 177 17.14 5.56 -18.52
C HIS C 177 17.14 5.57 -18.50
N THR C 178 15.88 5.33 -18.17
CA THR C 178 14.82 5.01 -19.13
C THR C 178 14.44 6.26 -20.01
N VAL C 179 14.15 7.40 -19.38
CA VAL C 179 13.72 8.57 -20.16
C VAL C 179 14.89 9.32 -20.80
N LYS C 180 15.92 9.71 -20.00
CA LYS C 180 17.02 10.45 -20.60
C LYS C 180 17.84 9.61 -21.54
N GLY C 181 17.83 8.28 -21.35
CA GLY C 181 18.51 7.34 -22.26
C GLY C 181 17.87 7.36 -23.66
N ALA C 182 16.54 7.45 -23.75
CA ALA C 182 15.85 7.64 -25.05
C ALA C 182 15.86 9.11 -25.53
N HIS C 183 15.89 10.06 -24.57
CA HIS C 183 15.72 11.50 -24.84
C HIS C 183 16.74 12.31 -23.99
N PRO C 184 17.99 12.39 -24.47
CA PRO C 184 19.08 13.00 -23.70
C PRO C 184 18.83 14.44 -23.19
N HIS C 185 18.00 15.22 -23.87
CA HIS C 185 17.66 16.58 -23.39
C HIS C 185 16.37 16.69 -22.57
N PHE C 186 15.76 15.55 -22.23
CA PHE C 186 14.57 15.55 -21.37
C PHE C 186 15.06 15.89 -19.94
N THR C 187 14.31 16.75 -19.26
CA THR C 187 14.82 17.28 -17.99
C THR C 187 14.31 16.45 -16.82
N VAL C 188 15.20 15.97 -15.94
CA VAL C 188 14.69 15.29 -14.76
C VAL C 188 15.01 16.09 -13.55
N LEU C 189 13.99 16.51 -12.85
CA LEU C 189 14.17 17.32 -11.60
C LEU C 189 13.58 16.57 -10.39
N CYS C 190 14.24 16.59 -9.24
CA CYS C 190 13.66 15.89 -8.10
C CYS C 190 12.86 16.93 -7.37
N GLY C 191 11.90 16.48 -6.58
CA GLY C 191 11.05 17.37 -5.85
C GLY C 191 11.37 17.46 -4.37
N TYR C 192 12.31 16.66 -3.87
CA TYR C 192 12.69 16.68 -2.47
C TYR C 192 14.09 17.23 -2.36
N ASP C 193 14.29 18.10 -1.36
CA ASP C 193 15.58 18.77 -1.10
C ASP C 193 16.75 17.79 -0.92
N ASP C 194 16.49 16.65 -0.29
CA ASP C 194 17.56 15.74 0.09
C ASP C 194 17.92 14.78 -1.06
N HIS C 195 17.34 14.99 -2.25
CA HIS C 195 17.70 14.14 -3.39
C HIS C 195 18.40 14.94 -4.53
N LEU C 196 18.60 16.24 -4.33
CA LEU C 196 19.25 17.11 -5.29
C LEU C 196 20.65 16.59 -5.72
N PHE C 197 21.53 16.39 -4.75
CA PHE C 197 22.88 15.90 -4.98
C PHE C 197 22.89 14.54 -5.71
N ASN C 198 22.11 13.58 -5.22
CA ASN C 198 22.05 12.29 -5.88
C ASN C 198 21.53 12.43 -7.31
N THR C 199 20.49 13.25 -7.47
CA THR C 199 19.92 13.51 -8.80
C THR C 199 20.99 14.01 -9.76
N LEU C 200 21.80 14.99 -9.33
CA LEU C 200 22.94 15.41 -10.09
C LEU C 200 23.93 14.28 -10.37
N LEU C 201 24.33 13.51 -9.33
CA LEU C 201 25.33 12.45 -9.58
C LEU C 201 24.83 11.34 -10.49
N LEU C 202 23.50 11.13 -10.49
CA LEU C 202 22.79 10.19 -11.38
C LEU C 202 22.68 10.65 -12.88
N GLY C 203 22.99 11.92 -13.19
CA GLY C 203 22.85 12.42 -14.60
C GLY C 203 21.59 13.24 -14.79
N GLY C 204 20.98 13.65 -13.66
CA GLY C 204 19.71 14.40 -13.69
C GLY C 204 20.03 15.88 -13.70
N ASP C 205 18.99 16.72 -13.58
CA ASP C 205 19.13 18.15 -13.90
C ASP C 205 18.94 19.21 -12.87
N GLY C 206 18.47 18.87 -11.68
CA GLY C 206 18.35 19.88 -10.60
C GLY C 206 17.14 19.45 -9.73
N ALA C 207 16.54 20.46 -9.08
CA ALA C 207 15.49 20.25 -8.08
C ALA C 207 14.45 21.34 -8.11
N ILE C 208 13.20 20.94 -7.91
CA ILE C 208 12.17 21.87 -7.57
C ILE C 208 11.78 21.44 -6.16
N SER C 209 12.32 22.11 -5.15
CA SER C 209 12.07 21.71 -3.75
C SER C 209 11.77 22.88 -2.77
N ALA C 210 10.98 22.59 -1.73
CA ALA C 210 10.41 23.61 -0.84
C ALA C 210 11.45 24.56 -0.22
N SER C 211 12.64 24.05 0.09
CA SER C 211 13.66 24.86 0.75
C SER C 211 14.20 25.95 -0.17
N GLY C 212 13.91 25.83 -1.48
CA GLY C 212 14.15 26.92 -2.41
C GLY C 212 13.48 28.21 -1.91
N ASN C 213 12.37 28.11 -1.18
CA ASN C 213 11.73 29.34 -0.68
C ASN C 213 12.46 30.12 0.39
N PHE C 214 13.05 29.40 1.34
CA PHE C 214 13.59 30.06 2.51
C PHE C 214 15.12 29.97 2.59
N ALA C 215 15.72 29.02 1.87
CA ALA C 215 17.18 28.91 1.83
C ALA C 215 17.65 28.57 0.43
N PRO C 216 17.33 29.40 -0.56
CA PRO C 216 17.69 29.00 -1.94
C PRO C 216 19.18 28.92 -2.16
N GLN C 217 19.95 29.67 -1.34
CA GLN C 217 21.44 29.75 -1.50
C GLN C 217 22.08 28.38 -1.32
N VAL C 218 21.46 27.49 -0.53
CA VAL C 218 22.03 26.16 -0.33
C VAL C 218 21.93 25.36 -1.60
N SER C 219 20.73 25.31 -2.23
CA SER C 219 20.62 24.56 -3.49
C SER C 219 21.38 25.27 -4.57
N VAL C 220 21.28 26.59 -4.64
CA VAL C 220 22.01 27.35 -5.66
C VAL C 220 23.53 27.13 -5.61
N ASN C 221 24.08 27.16 -4.39
CA ASN C 221 25.54 26.98 -4.19
C ASN C 221 25.98 25.53 -4.45
N LEU C 222 25.11 24.57 -4.12
CA LEU C 222 25.40 23.17 -4.36
C LEU C 222 25.55 22.99 -5.86
N LEU C 223 24.58 23.47 -6.63
CA LEU C 223 24.61 23.34 -8.07
C LEU C 223 25.85 24.05 -8.66
N LYS C 224 26.13 25.25 -8.19
CA LYS C 224 27.28 25.99 -8.66
C LYS C 224 28.56 25.18 -8.40
N ALA C 225 28.72 24.71 -7.15
CA ALA C 225 29.87 23.91 -6.75
C ALA C 225 29.94 22.68 -7.64
N TRP C 226 28.81 22.01 -7.86
CA TRP C 226 28.85 20.82 -8.69
C TRP C 226 29.30 21.17 -10.13
N ARG C 227 28.71 22.23 -10.70
CA ARG C 227 29.02 22.60 -12.08
C ARG C 227 30.52 22.95 -12.21
N ASP C 228 31.10 23.44 -11.12
CA ASP C 228 32.52 23.84 -11.04
C ASP C 228 33.48 22.67 -10.76
N GLY C 229 32.96 21.48 -10.47
CA GLY C 229 33.79 20.32 -10.24
C GLY C 229 34.34 20.25 -8.83
N ASP C 230 33.78 21.08 -7.97
CA ASP C 230 34.12 21.04 -6.54
C ASP C 230 33.10 20.18 -5.78
N VAL C 231 33.31 18.87 -5.87
CA VAL C 231 32.31 17.90 -5.40
C VAL C 231 32.25 17.93 -3.91
N ALA C 232 33.40 18.19 -3.27
CA ALA C 232 33.42 18.25 -1.79
C ALA C 232 32.60 19.40 -1.28
N LYS C 233 32.64 20.52 -2.00
CA LYS C 233 31.86 21.67 -1.57
C LYS C 233 30.36 21.35 -1.73
N ALA C 234 30.01 20.72 -2.87
CA ALA C 234 28.66 20.34 -3.20
C ALA C 234 28.10 19.44 -2.08
N ALA C 235 28.93 18.47 -1.64
CA ALA C 235 28.56 17.54 -0.59
C ALA C 235 28.37 18.20 0.76
N GLY C 236 29.09 19.28 0.98
CA GLY C 236 28.88 20.06 2.21
C GLY C 236 27.48 20.70 2.22
N TYR C 237 27.10 21.35 1.10
CA TYR C 237 25.71 21.80 0.95
C TYR C 237 24.67 20.66 1.06
N HIS C 238 24.99 19.52 0.46
CA HIS C 238 24.09 18.36 0.52
C HIS C 238 23.82 17.99 2.00
N GLN C 239 24.86 18.08 2.84
CA GLN C 239 24.71 17.71 4.26
C GLN C 239 23.65 18.57 4.92
N THR C 240 23.59 19.85 4.56
CA THR C 240 22.52 20.69 5.09
C THR C 240 21.13 20.27 4.50
N LEU C 241 21.08 20.04 3.19
CA LEU C 241 19.82 19.63 2.57
C LEU C 241 19.31 18.29 3.07
N LEU C 242 20.20 17.33 3.38
CA LEU C 242 19.82 16.08 4.05
C LEU C 242 19.04 16.31 5.34
N GLN C 243 19.35 17.37 6.05
CA GLN C 243 18.68 17.65 7.34
C GLN C 243 17.37 18.48 7.26
N ILE C 244 17.26 19.33 6.24
CA ILE C 244 16.10 20.22 6.16
C ILE C 244 14.74 19.50 6.24
N PRO C 245 14.57 18.36 5.53
CA PRO C 245 13.19 17.86 5.49
C PRO C 245 12.56 17.35 6.80
N GLN C 246 13.33 17.39 7.90
CA GLN C 246 12.79 17.12 9.22
C GLN C 246 11.60 18.02 9.49
N MET C 247 11.73 19.29 9.11
CA MET C 247 10.70 20.31 9.39
C MET C 247 9.34 19.97 8.75
N TYR C 248 9.31 19.25 7.62
CA TYR C 248 8.08 19.00 6.91
C TYR C 248 7.14 18.09 7.70
N GLN C 249 7.70 17.44 8.74
CA GLN C 249 6.96 16.58 9.67
C GLN C 249 6.14 17.42 10.66
N LEU C 250 6.40 18.73 10.73
CA LEU C 250 5.72 19.53 11.76
C LEU C 250 4.23 19.65 11.57
N ASP C 251 3.76 19.61 10.31
CA ASP C 251 2.34 19.68 10.08
C ASP C 251 2.03 19.00 8.76
N THR C 252 0.80 18.61 8.53
CA THR C 252 0.41 18.27 7.17
C THR C 252 -0.97 18.83 6.81
N PRO C 253 -1.08 19.63 5.74
CA PRO C 253 -0.06 20.10 4.79
C PRO C 253 0.97 20.93 5.49
N PHE C 254 2.18 20.96 4.93
CA PHE C 254 3.29 21.71 5.55
C PHE C 254 3.58 22.98 4.81
N VAL C 255 2.65 23.44 3.96
CA VAL C 255 2.73 24.79 3.36
C VAL C 255 2.86 25.85 4.47
N ASN C 256 2.23 25.65 5.61
CA ASN C 256 2.40 26.63 6.71
C ASN C 256 3.84 26.67 7.18
N VAL C 257 4.50 25.48 7.28
CA VAL C 257 5.88 25.39 7.75
C VAL C 257 6.84 26.15 6.85
N ILE C 258 6.61 26.01 5.54
CA ILE C 258 7.47 26.65 4.56
C ILE C 258 7.42 28.21 4.73
N LYS C 259 6.21 28.74 4.90
CA LYS C 259 6.06 30.21 5.06
C LYS C 259 6.64 30.64 6.39
N GLU C 260 6.45 29.88 7.46
CA GLU C 260 7.08 30.26 8.77
C GLU C 260 8.61 30.31 8.68
N ALA C 261 9.15 29.43 7.83
CA ALA C 261 10.55 29.36 7.59
C ALA C 261 11.03 30.51 6.74
N ILE C 262 10.21 30.96 5.76
CA ILE C 262 10.54 32.15 5.00
C ILE C 262 10.70 33.32 5.96
N VAL C 263 9.75 33.52 6.86
CA VAL C 263 9.89 34.60 7.84
C VAL C 263 11.16 34.50 8.74
N LEU C 264 11.41 33.30 9.25
CA LEU C 264 12.48 33.09 10.20
C LEU C 264 13.84 33.32 9.55
N CYS C 265 13.92 33.07 8.25
CA CYS C 265 15.16 33.23 7.53
C CYS C 265 15.34 34.68 7.03
N GLY C 266 14.39 35.57 7.32
CA GLY C 266 14.60 37.03 7.18
C GLY C 266 13.67 37.83 6.30
N ARG C 267 12.67 37.20 5.68
CA ARG C 267 11.74 37.91 4.79
C ARG C 267 10.32 37.91 5.42
N PRO C 268 9.91 39.06 6.06
CA PRO C 268 8.67 39.04 6.84
C PRO C 268 7.41 39.12 5.96
N VAL C 269 6.90 37.96 5.54
CA VAL C 269 5.69 37.90 4.75
C VAL C 269 4.61 37.33 5.61
N SER C 270 3.37 37.61 5.24
CA SER C 270 2.26 36.92 5.84
C SER C 270 2.41 35.39 5.69
N THR C 271 2.02 34.66 6.75
CA THR C 271 2.09 33.23 6.71
C THR C 271 0.73 32.60 6.59
N HIS C 272 -0.34 33.38 6.32
N HIS C 272 -0.31 33.38 6.32
CA HIS C 272 -1.67 32.78 6.10
CA HIS C 272 -1.62 32.80 6.11
C HIS C 272 -1.58 31.64 5.05
C HIS C 272 -1.57 31.65 5.05
N VAL C 273 -2.35 30.59 5.30
CA VAL C 273 -2.48 29.47 4.36
C VAL C 273 -3.97 29.20 4.21
N LEU C 274 -4.34 28.54 3.09
CA LEU C 274 -5.75 28.32 2.83
C LEU C 274 -6.23 27.06 3.47
N PRO C 275 -7.48 27.04 3.95
CA PRO C 275 -7.98 25.73 4.45
C PRO C 275 -8.03 24.66 3.32
N PRO C 276 -7.87 23.36 3.65
CA PRO C 276 -7.77 22.78 4.98
C PRO C 276 -6.39 22.81 5.65
N ALA C 277 -5.39 23.49 5.09
CA ALA C 277 -4.23 23.78 5.93
C ALA C 277 -4.63 24.80 7.07
N SER C 278 -3.80 24.93 8.10
CA SER C 278 -4.08 25.81 9.21
C SER C 278 -2.79 26.42 9.75
N PRO C 279 -2.87 27.51 10.56
CA PRO C 279 -1.69 28.17 11.13
C PRO C 279 -0.84 27.22 11.97
N LEU C 280 0.48 27.31 11.88
CA LEU C 280 1.32 26.46 12.71
C LEU C 280 1.31 27.00 14.16
N ASP C 281 1.17 26.12 15.15
CA ASP C 281 1.13 26.57 16.53
C ASP C 281 2.52 27.06 16.99
N GLU C 282 2.53 27.91 18.02
CA GLU C 282 3.78 28.49 18.60
C GLU C 282 4.84 27.45 19.05
N PRO C 283 4.42 26.42 19.79
CA PRO C 283 5.48 25.45 20.12
C PRO C 283 6.16 24.81 18.87
N ARG C 284 5.40 24.48 17.82
CA ARG C 284 6.06 23.99 16.62
C ARG C 284 6.81 25.09 15.86
N LYS C 285 6.36 26.36 15.98
CA LYS C 285 7.14 27.41 15.36
C LYS C 285 8.55 27.50 16.03
N ALA C 286 8.57 27.34 17.36
CA ALA C 286 9.83 27.40 18.14
C ALA C 286 10.71 26.19 17.83
N GLN C 287 10.08 25.04 17.68
CA GLN C 287 10.85 23.91 17.15
C GLN C 287 11.47 24.19 15.78
N LEU C 288 10.71 24.81 14.83
CA LEU C 288 11.23 25.04 13.46
C LEU C 288 12.44 26.01 13.62
N LYS C 289 12.22 27.08 14.39
CA LYS C 289 13.28 28.02 14.64
C LYS C 289 14.60 27.33 15.12
N THR C 290 14.49 26.47 16.13
N THR C 290 14.52 26.49 16.16
CA THR C 290 15.69 25.82 16.67
CA THR C 290 15.77 25.88 16.63
C THR C 290 16.38 24.96 15.60
C THR C 290 16.42 24.97 15.56
N LEU C 291 15.59 24.24 14.81
CA LEU C 291 16.11 23.53 13.64
C LEU C 291 16.83 24.47 12.64
N LEU C 292 16.24 25.62 12.34
CA LEU C 292 16.88 26.50 11.36
C LEU C 292 18.19 27.06 11.93
N GLN C 293 18.18 27.35 13.21
CA GLN C 293 19.40 27.83 13.89
C GLN C 293 20.50 26.78 13.90
N GLN C 294 20.20 25.55 14.35
CA GLN C 294 21.18 24.44 14.24
C GLN C 294 21.78 24.28 12.84
N LEU C 295 21.04 24.61 11.78
CA LEU C 295 21.54 24.40 10.41
C LEU C 295 22.21 25.66 9.87
N LYS C 296 22.18 26.72 10.69
CA LYS C 296 22.84 27.97 10.37
C LYS C 296 22.08 28.69 9.28
N LEU C 297 20.77 28.55 9.24
CA LEU C 297 20.00 29.17 8.15
C LEU C 297 19.35 30.51 8.54
N CYS C 298 19.35 30.82 9.84
CA CYS C 298 18.94 32.13 10.32
C CYS C 298 19.73 32.52 11.57
N ALA D 1 -33.54 8.62 11.98
CA ALA D 1 -32.51 8.30 10.97
C ALA D 1 -32.78 8.91 9.59
N LEU D 2 -31.83 9.71 9.15
CA LEU D 2 -32.00 10.49 7.95
C LEU D 2 -31.34 9.87 6.71
N PHE D 3 -31.96 10.04 5.55
CA PHE D 3 -31.37 9.52 4.31
C PHE D 3 -31.08 8.01 4.35
N THR D 4 -32.05 7.22 4.81
CA THR D 4 -31.91 5.79 4.76
C THR D 4 -32.51 5.19 3.46
N GLY D 5 -32.26 3.91 3.22
CA GLY D 5 -32.81 3.23 2.05
C GLY D 5 -31.91 3.34 0.79
N ILE D 6 -32.53 3.40 -0.39
CA ILE D 6 -31.85 3.38 -1.68
C ILE D 6 -31.77 4.76 -2.26
N ILE D 7 -30.54 5.33 -2.32
CA ILE D 7 -30.34 6.67 -2.79
C ILE D 7 -29.29 6.76 -3.95
N PRO D 8 -29.77 6.78 -5.20
CA PRO D 8 -28.78 6.70 -6.26
C PRO D 8 -27.82 7.86 -6.33
N PRO D 9 -26.54 7.57 -6.65
CA PRO D 9 -25.68 8.67 -7.04
C PRO D 9 -25.95 8.95 -8.56
N VAL D 10 -26.79 9.93 -8.83
CA VAL D 10 -27.33 10.17 -10.15
C VAL D 10 -26.24 10.63 -11.10
N SER D 11 -26.20 9.99 -12.27
CA SER D 11 -25.34 10.51 -13.34
C SER D 11 -25.83 11.86 -13.77
N THR D 12 -24.92 12.78 -14.02
CA THR D 12 -25.24 14.03 -14.69
C THR D 12 -25.20 13.86 -16.23
N ILE D 13 -26.31 14.13 -16.92
CA ILE D 13 -26.34 13.91 -18.37
C ILE D 13 -25.80 15.18 -19.09
N PHE D 14 -24.85 14.97 -19.99
CA PHE D 14 -24.27 16.08 -20.72
C PHE D 14 -24.58 15.94 -22.21
N THR D 15 -24.69 17.08 -22.91
CA THR D 15 -24.73 17.05 -24.37
C THR D 15 -23.36 16.81 -24.98
N ALA D 16 -23.33 16.60 -26.31
CA ALA D 16 -22.05 16.49 -27.03
C ALA D 16 -21.04 17.62 -26.88
N ASP D 17 -21.47 18.84 -26.50
CA ASP D 17 -20.52 19.93 -26.14
C ASP D 17 -20.18 19.98 -24.67
N GLY D 18 -20.53 18.95 -23.90
CA GLY D 18 -20.25 18.96 -22.45
C GLY D 18 -21.01 20.01 -21.62
N GLN D 19 -22.21 20.38 -22.09
CA GLN D 19 -23.13 21.16 -21.24
C GLN D 19 -24.21 20.26 -20.62
N LEU D 20 -24.72 20.70 -19.49
CA LEU D 20 -25.84 20.04 -18.86
C LEU D 20 -26.96 19.77 -19.86
N ASP D 21 -27.30 18.50 -19.98
CA ASP D 21 -28.43 18.09 -20.79
C ASP D 21 -29.66 18.06 -19.88
N LYS D 22 -30.44 19.14 -19.93
CA LYS D 22 -31.57 19.23 -19.01
C LYS D 22 -32.66 18.20 -19.27
N PRO D 23 -33.09 18.03 -20.54
CA PRO D 23 -34.15 17.04 -20.79
C PRO D 23 -33.70 15.65 -20.36
N GLY D 24 -32.47 15.28 -20.69
CA GLY D 24 -32.01 13.93 -20.33
C GLY D 24 -31.82 13.75 -18.84
N THR D 25 -31.27 14.75 -18.13
CA THR D 25 -31.05 14.56 -16.67
C THR D 25 -32.44 14.48 -16.02
N ALA D 26 -33.39 15.29 -16.52
CA ALA D 26 -34.75 15.33 -15.98
C ALA D 26 -35.47 13.98 -16.18
N ALA D 27 -35.36 13.41 -17.36
CA ALA D 27 -35.98 12.12 -17.60
C ALA D 27 -35.36 11.06 -16.69
N LEU D 28 -34.04 11.15 -16.47
CA LEU D 28 -33.36 10.17 -15.58
C LEU D 28 -33.87 10.27 -14.12
N ILE D 29 -34.00 11.50 -13.64
CA ILE D 29 -34.52 11.77 -12.30
C ILE D 29 -35.93 11.19 -12.18
N ASP D 30 -36.73 11.45 -13.22
CA ASP D 30 -38.10 10.95 -13.20
C ASP D 30 -38.14 9.42 -13.20
N ASP D 31 -37.33 8.76 -14.03
CA ASP D 31 -37.31 7.28 -14.01
C ASP D 31 -37.00 6.80 -12.58
N LEU D 32 -35.96 7.39 -12.00
CA LEU D 32 -35.51 7.00 -10.63
C LEU D 32 -36.61 7.14 -9.56
N ILE D 33 -37.27 8.30 -9.53
CA ILE D 33 -38.36 8.54 -8.58
C ILE D 33 -39.51 7.54 -8.79
N LYS D 34 -39.92 7.33 -10.04
CA LYS D 34 -40.97 6.31 -10.34
C LYS D 34 -40.54 4.96 -9.88
N ALA D 35 -39.22 4.68 -9.89
CA ALA D 35 -38.76 3.34 -9.45
C ALA D 35 -38.90 3.13 -7.97
N GLY D 36 -39.21 4.18 -7.19
CA GLY D 36 -39.34 3.99 -5.71
C GLY D 36 -38.08 4.25 -4.88
N VAL D 37 -37.12 5.00 -5.41
CA VAL D 37 -35.97 5.34 -4.58
C VAL D 37 -36.34 6.24 -3.40
N ASP D 38 -35.52 6.19 -2.36
CA ASP D 38 -35.78 6.95 -1.16
C ASP D 38 -35.14 8.32 -1.17
N GLY D 39 -34.36 8.64 -2.20
CA GLY D 39 -33.68 9.93 -2.22
C GLY D 39 -32.83 9.98 -3.47
N LEU D 40 -32.26 11.12 -3.80
CA LEU D 40 -31.39 11.23 -4.95
C LEU D 40 -30.16 12.07 -4.55
N PHE D 41 -28.99 11.66 -5.07
CA PHE D 41 -27.72 12.26 -4.67
C PHE D 41 -27.03 12.72 -5.92
N PHE D 42 -26.89 14.01 -6.09
CA PHE D 42 -26.32 14.61 -7.29
C PHE D 42 -24.91 15.03 -6.94
N LEU D 43 -24.08 15.07 -7.97
CA LEU D 43 -22.68 15.46 -7.84
C LEU D 43 -21.83 14.61 -6.85
N GLY D 44 -22.11 13.31 -6.79
CA GLY D 44 -21.10 12.32 -6.29
C GLY D 44 -20.07 11.95 -7.31
N SER D 45 -19.31 10.89 -7.05
CA SER D 45 -18.24 10.48 -7.96
C SER D 45 -18.85 10.11 -9.28
N GLY D 46 -19.92 9.33 -9.25
CA GLY D 46 -20.67 9.00 -10.47
C GLY D 46 -21.32 10.17 -11.29
N GLY D 47 -21.67 11.26 -10.60
CA GLY D 47 -22.21 12.48 -11.20
C GLY D 47 -21.08 13.37 -11.64
N GLU D 48 -19.82 12.91 -11.52
CA GLU D 48 -18.65 13.61 -12.11
C GLU D 48 -18.26 14.93 -11.45
N PHE D 49 -18.48 15.08 -10.11
CA PHE D 49 -18.19 16.34 -9.44
C PHE D 49 -16.76 16.77 -9.68
N SER D 50 -15.82 15.82 -9.72
CA SER D 50 -14.39 16.18 -9.80
C SER D 50 -13.94 16.64 -11.16
N GLN D 51 -14.77 16.42 -12.18
CA GLN D 51 -14.48 16.97 -13.53
C GLN D 51 -15.22 18.30 -13.90
N LEU D 52 -15.90 18.88 -12.95
CA LEU D 52 -16.75 20.07 -13.15
C LEU D 52 -16.22 21.28 -12.37
N GLY D 53 -16.47 22.49 -12.88
CA GLY D 53 -16.06 23.71 -12.18
C GLY D 53 -17.12 24.07 -11.17
N ALA D 54 -16.76 24.94 -10.24
CA ALA D 54 -17.70 25.33 -9.14
C ALA D 54 -19.04 25.95 -9.67
N GLU D 55 -18.97 26.86 -10.63
CA GLU D 55 -20.20 27.46 -11.21
C GLU D 55 -21.04 26.43 -11.94
N GLU D 56 -20.37 25.57 -12.72
CA GLU D 56 -21.05 24.40 -13.27
C GLU D 56 -21.74 23.57 -12.21
N ARG D 57 -21.05 23.26 -11.11
CA ARG D 57 -21.69 22.47 -10.05
C ARG D 57 -22.89 23.16 -9.42
N LYS D 58 -22.78 24.46 -9.20
CA LYS D 58 -23.97 25.20 -8.66
C LYS D 58 -25.16 25.13 -9.61
N ALA D 59 -24.87 25.30 -10.92
CA ALA D 59 -25.93 25.26 -11.91
C ALA D 59 -26.58 23.92 -11.90
N ILE D 60 -25.77 22.84 -11.85
CA ILE D 60 -26.33 21.49 -11.89
C ILE D 60 -27.19 21.18 -10.66
N ALA D 61 -26.66 21.52 -9.50
CA ALA D 61 -27.42 21.35 -8.27
C ALA D 61 -28.78 22.05 -8.32
N ARG D 62 -28.78 23.31 -8.74
CA ARG D 62 -29.99 24.12 -8.72
C ARG D 62 -31.02 23.45 -9.65
N PHE D 63 -30.57 23.11 -10.89
CA PHE D 63 -31.44 22.42 -11.80
C PHE D 63 -32.03 21.18 -11.19
N ALA D 64 -31.17 20.38 -10.55
CA ALA D 64 -31.59 19.07 -10.08
C ALA D 64 -32.54 19.23 -8.92
N ILE D 65 -32.21 20.13 -8.01
CA ILE D 65 -33.16 20.35 -6.89
C ILE D 65 -34.56 20.83 -7.40
N ASP D 66 -34.51 21.81 -8.28
CA ASP D 66 -35.77 22.33 -8.86
C ASP D 66 -36.56 21.29 -9.58
N HIS D 67 -35.88 20.48 -10.42
CA HIS D 67 -36.60 19.42 -11.08
C HIS D 67 -37.19 18.46 -10.13
N VAL D 68 -36.44 18.01 -9.11
CA VAL D 68 -37.01 17.06 -8.11
C VAL D 68 -38.25 17.62 -7.39
N ASP D 69 -38.19 18.90 -7.10
CA ASP D 69 -39.37 19.62 -6.56
C ASP D 69 -39.93 18.95 -5.32
N ARG D 70 -39.02 18.62 -4.42
CA ARG D 70 -39.36 17.98 -3.14
C ARG D 70 -40.05 16.61 -3.14
N ARG D 71 -40.10 15.91 -4.27
CA ARG D 71 -40.74 14.57 -4.34
C ARG D 71 -40.04 13.53 -3.48
N VAL D 72 -38.71 13.63 -3.40
CA VAL D 72 -37.91 12.76 -2.56
C VAL D 72 -36.79 13.66 -2.01
N PRO D 73 -36.16 13.28 -0.90
CA PRO D 73 -35.03 14.02 -0.36
C PRO D 73 -33.88 14.14 -1.39
N VAL D 74 -33.20 15.28 -1.38
CA VAL D 74 -32.11 15.55 -2.31
C VAL D 74 -30.81 15.86 -1.60
N LEU D 75 -29.76 15.13 -1.93
CA LEU D 75 -28.42 15.40 -1.42
C LEU D 75 -27.58 15.94 -2.54
N ILE D 76 -26.71 16.88 -2.21
CA ILE D 76 -25.77 17.49 -3.11
C ILE D 76 -24.32 17.24 -2.59
N GLY D 77 -23.47 16.75 -3.47
CA GLY D 77 -22.08 16.57 -3.15
C GLY D 77 -21.35 17.83 -3.32
N THR D 78 -20.74 18.32 -2.25
CA THR D 78 -20.16 19.62 -2.30
C THR D 78 -18.67 19.60 -2.06
N GLY D 79 -18.09 18.42 -1.96
CA GLY D 79 -16.65 18.29 -1.57
C GLY D 79 -15.66 18.48 -2.68
N GLY D 80 -14.38 18.41 -2.32
CA GLY D 80 -13.28 18.77 -3.23
C GLY D 80 -12.04 18.92 -2.38
N THR D 81 -11.00 19.55 -2.93
CA THR D 81 -9.82 19.91 -2.17
C THR D 81 -9.83 21.37 -1.66
N ASN D 82 -10.55 22.25 -2.37
CA ASN D 82 -10.63 23.66 -2.00
C ASN D 82 -11.69 23.82 -0.93
N ALA D 83 -11.27 23.88 0.32
CA ALA D 83 -12.21 23.92 1.44
C ALA D 83 -13.11 25.18 1.42
N ARG D 84 -12.57 26.32 1.03
CA ARG D 84 -13.40 27.57 0.84
C ARG D 84 -14.50 27.31 -0.17
N GLU D 85 -14.14 26.61 -1.25
CA GLU D 85 -15.14 26.26 -2.23
C GLU D 85 -16.16 25.26 -1.70
N THR D 86 -15.73 24.31 -0.89
CA THR D 86 -16.71 23.41 -0.27
C THR D 86 -17.80 24.20 0.54
N ILE D 87 -17.38 25.24 1.27
CA ILE D 87 -18.36 26.01 2.10
C ILE D 87 -19.31 26.78 1.14
N GLU D 88 -18.72 27.40 0.16
CA GLU D 88 -19.53 28.10 -0.89
C GLU D 88 -20.58 27.18 -1.53
N LEU D 89 -20.17 25.98 -1.95
CA LEU D 89 -21.07 25.02 -2.59
C LEU D 89 -22.07 24.50 -1.63
N SER D 90 -21.67 24.36 -0.37
CA SER D 90 -22.59 23.84 0.62
C SER D 90 -23.64 24.86 1.03
N GLN D 91 -23.21 26.10 1.22
CA GLN D 91 -24.16 27.19 1.51
C GLN D 91 -25.06 27.43 0.29
N HIS D 92 -24.48 27.32 -0.92
CA HIS D 92 -25.32 27.44 -2.12
C HIS D 92 -26.40 26.35 -2.11
N ALA D 93 -25.99 25.11 -1.78
CA ALA D 93 -26.92 24.01 -1.80
C ALA D 93 -28.12 24.21 -0.88
N GLN D 94 -27.81 24.68 0.31
CA GLN D 94 -28.83 24.95 1.29
C GLN D 94 -29.77 26.03 0.73
N GLN D 95 -29.21 27.12 0.25
CA GLN D 95 -30.04 28.25 -0.29
C GLN D 95 -30.93 27.85 -1.45
N ALA D 96 -30.45 26.89 -2.25
CA ALA D 96 -31.13 26.44 -3.44
C ALA D 96 -32.19 25.43 -3.09
N GLY D 97 -32.22 24.97 -1.85
CA GLY D 97 -33.29 24.06 -1.43
C GLY D 97 -32.90 22.61 -1.16
N ALA D 98 -31.61 22.27 -1.21
CA ALA D 98 -31.25 20.83 -0.99
C ALA D 98 -31.68 20.37 0.40
N ASP D 99 -31.89 19.06 0.59
CA ASP D 99 -32.13 18.53 1.96
C ASP D 99 -30.89 18.11 2.75
N GLY D 100 -29.75 17.99 2.11
CA GLY D 100 -28.52 17.55 2.80
C GLY D 100 -27.34 17.70 1.84
N ILE D 101 -26.13 17.63 2.37
CA ILE D 101 -24.91 17.66 1.59
C ILE D 101 -24.05 16.40 1.93
N VAL D 102 -23.24 15.96 0.96
CA VAL D 102 -22.40 14.76 1.13
C VAL D 102 -21.00 15.32 0.93
N VAL D 103 -20.07 15.06 1.85
CA VAL D 103 -18.76 15.73 1.84
C VAL D 103 -17.66 14.68 1.99
N ILE D 104 -16.84 14.53 0.95
CA ILE D 104 -15.71 13.60 0.96
C ILE D 104 -14.61 14.29 1.73
N ASN D 105 -13.61 13.54 2.21
CA ASN D 105 -12.43 14.16 2.78
C ASN D 105 -11.56 14.72 1.69
N PRO D 106 -10.71 15.74 1.99
CA PRO D 106 -9.82 16.28 0.98
C PRO D 106 -8.91 15.20 0.43
N TYR D 107 -8.72 15.15 -0.89
CA TYR D 107 -8.10 13.95 -1.52
C TYR D 107 -6.82 14.27 -2.28
N TYR D 108 -6.31 15.47 -2.18
CA TYR D 108 -4.97 15.68 -2.70
C TYR D 108 -4.01 15.46 -1.50
N TRP D 109 -3.71 16.51 -0.74
CA TRP D 109 -3.10 16.38 0.59
C TRP D 109 -3.94 15.48 1.42
N LYS D 110 -3.34 14.50 2.08
CA LYS D 110 -4.08 13.73 3.10
C LYS D 110 -3.82 14.53 4.39
N VAL D 111 -4.78 15.37 4.80
CA VAL D 111 -4.43 16.26 5.93
C VAL D 111 -4.30 15.55 7.30
N SER D 112 -3.55 16.18 8.20
CA SER D 112 -3.39 15.59 9.54
C SER D 112 -4.76 15.38 10.15
N GLU D 113 -4.82 14.54 11.15
CA GLU D 113 -6.09 14.28 11.82
C GLU D 113 -6.77 15.59 12.37
N ALA D 114 -6.00 16.45 13.00
CA ALA D 114 -6.51 17.67 13.61
C ALA D 114 -7.12 18.57 12.52
N ASN D 115 -6.40 18.76 11.41
CA ASN D 115 -6.91 19.56 10.24
C ASN D 115 -8.17 18.93 9.63
N LEU D 116 -8.23 17.61 9.69
CA LEU D 116 -9.34 16.88 9.08
C LEU D 116 -10.61 17.03 9.85
N ILE D 117 -10.52 16.88 11.17
CA ILE D 117 -11.65 17.12 12.05
C ILE D 117 -12.07 18.55 11.95
N ARG D 118 -11.11 19.47 11.93
CA ARG D 118 -11.42 20.88 11.85
C ARG D 118 -12.12 21.19 10.49
N TYR D 119 -11.73 20.49 9.42
CA TYR D 119 -12.36 20.73 8.11
C TYR D 119 -13.85 20.37 8.12
N PHE D 120 -14.16 19.16 8.58
CA PHE D 120 -15.54 18.72 8.65
C PHE D 120 -16.41 19.53 9.61
N GLU D 121 -15.84 19.94 10.76
CA GLU D 121 -16.54 20.82 11.75
C GLU D 121 -16.88 22.17 11.12
N GLN D 122 -15.95 22.80 10.41
CA GLN D 122 -16.22 24.07 9.67
C GLN D 122 -17.27 23.92 8.56
N VAL D 123 -17.18 22.81 7.81
CA VAL D 123 -18.15 22.57 6.79
C VAL D 123 -19.48 22.41 7.51
N ALA D 124 -19.51 21.58 8.53
CA ALA D 124 -20.78 21.33 9.24
C ALA D 124 -21.35 22.62 9.86
N ASP D 125 -20.48 23.51 10.30
CA ASP D 125 -20.92 24.78 10.91
C ASP D 125 -21.43 25.78 9.88
N SER D 126 -21.15 25.57 8.59
CA SER D 126 -21.45 26.56 7.57
C SER D 126 -22.90 26.44 7.12
N VAL D 127 -23.57 25.37 7.47
CA VAL D 127 -24.92 25.14 6.99
C VAL D 127 -25.75 24.59 8.10
N THR D 128 -27.06 24.67 8.03
CA THR D 128 -27.87 23.95 9.05
C THR D 128 -28.40 22.60 8.52
N LEU D 129 -28.07 22.34 7.28
CA LEU D 129 -28.44 21.10 6.65
C LEU D 129 -27.77 19.89 7.33
N PRO D 130 -28.42 18.74 7.35
CA PRO D 130 -27.70 17.50 7.66
C PRO D 130 -26.50 17.26 6.73
N VAL D 131 -25.44 16.72 7.31
CA VAL D 131 -24.22 16.42 6.56
C VAL D 131 -23.93 14.91 6.55
N MET D 132 -23.75 14.36 5.36
CA MET D 132 -23.35 12.94 5.18
C MET D 132 -21.86 12.98 4.82
N LEU D 133 -21.01 12.24 5.54
CA LEU D 133 -19.60 12.10 5.21
C LEU D 133 -19.52 11.09 4.04
N TYR D 134 -18.40 11.12 3.30
CA TYR D 134 -18.22 10.23 2.13
C TYR D 134 -16.80 9.64 2.23
N ASN D 135 -16.72 8.34 2.52
CA ASN D 135 -15.42 7.65 2.62
C ASN D 135 -15.18 6.85 1.30
N PHE D 136 -14.05 7.10 0.60
CA PHE D 136 -13.74 6.35 -0.64
C PHE D 136 -12.22 6.24 -0.69
N PRO D 137 -11.63 5.44 0.22
CA PRO D 137 -10.19 5.44 0.41
C PRO D 137 -9.38 4.95 -0.83
N ALA D 138 -9.98 4.10 -1.65
CA ALA D 138 -9.34 3.76 -2.97
C ALA D 138 -8.98 4.99 -3.77
N LEU D 139 -9.80 6.04 -3.67
CA LEU D 139 -9.52 7.25 -4.43
C LEU D 139 -8.90 8.30 -3.58
N THR D 140 -9.37 8.44 -2.34
CA THR D 140 -8.80 9.51 -1.52
C THR D 140 -7.42 9.23 -0.96
N GLY D 141 -7.04 7.96 -0.82
CA GLY D 141 -5.78 7.59 -0.10
C GLY D 141 -5.82 7.88 1.40
N GLN D 142 -7.01 8.06 1.97
CA GLN D 142 -7.07 8.41 3.40
C GLN D 142 -8.39 7.93 3.92
N ASP D 143 -8.35 6.87 4.75
CA ASP D 143 -9.58 6.28 5.25
C ASP D 143 -10.24 7.15 6.34
N LEU D 144 -11.57 7.17 6.37
CA LEU D 144 -12.33 7.77 7.49
C LEU D 144 -12.64 6.56 8.35
N THR D 145 -11.92 6.44 9.43
CA THR D 145 -12.01 5.24 10.23
C THR D 145 -13.27 5.31 11.04
N PRO D 146 -13.76 4.15 11.48
CA PRO D 146 -14.93 4.25 12.39
C PRO D 146 -14.65 5.17 13.63
N ALA D 147 -13.43 5.19 14.18
CA ALA D 147 -13.14 5.99 15.38
C ALA D 147 -13.23 7.49 15.03
N LEU D 148 -12.66 7.84 13.89
CA LEU D 148 -12.73 9.23 13.45
C LEU D 148 -14.18 9.68 13.23
N VAL D 149 -14.92 8.85 12.51
CA VAL D 149 -16.30 9.18 12.18
C VAL D 149 -17.10 9.35 13.49
N LYS D 150 -16.96 8.43 14.42
CA LYS D 150 -17.59 8.61 15.77
C LYS D 150 -17.27 9.98 16.44
N THR D 151 -15.98 10.33 16.45
CA THR D 151 -15.51 11.61 16.93
C THR D 151 -16.26 12.77 16.20
N LEU D 152 -16.35 12.70 14.85
CA LEU D 152 -17.07 13.78 14.15
C LEU D 152 -18.55 13.81 14.52
N ALA D 153 -19.22 12.63 14.62
CA ALA D 153 -20.64 12.61 15.03
C ALA D 153 -20.81 13.08 16.51
N ASP D 154 -19.84 12.76 17.41
CA ASP D 154 -19.85 13.30 18.80
C ASP D 154 -19.73 14.87 18.73
N SER D 155 -18.98 15.40 17.75
CA SER D 155 -18.66 16.81 17.79
C SER D 155 -19.73 17.75 17.22
N ARG D 156 -20.39 17.28 16.15
CA ARG D 156 -21.39 18.06 15.42
C ARG D 156 -22.70 17.28 15.23
N SER D 157 -23.79 17.77 15.78
CA SER D 157 -25.07 16.99 15.71
C SER D 157 -25.70 17.08 14.32
N ASN D 158 -25.15 17.89 13.42
CA ASN D 158 -25.66 17.74 12.03
C ASN D 158 -24.81 16.78 11.14
N ILE D 159 -23.78 16.17 11.72
CA ILE D 159 -23.05 15.08 11.00
C ILE D 159 -23.78 13.78 11.32
N ILE D 160 -24.63 13.34 10.39
CA ILE D 160 -25.65 12.32 10.69
C ILE D 160 -25.55 11.00 9.91
N GLY D 161 -24.53 10.88 9.07
CA GLY D 161 -24.41 9.68 8.28
C GLY D 161 -23.08 9.53 7.57
N ILE D 162 -22.93 8.41 6.87
CA ILE D 162 -21.74 8.17 6.07
C ILE D 162 -22.10 7.27 4.90
N LYS D 163 -21.63 7.66 3.72
CA LYS D 163 -21.55 6.76 2.60
C LYS D 163 -20.17 6.13 2.65
N ASP D 164 -20.10 4.82 2.85
CA ASP D 164 -18.80 4.14 3.02
C ASP D 164 -18.54 3.26 1.79
N THR D 165 -17.61 3.70 0.96
CA THR D 165 -17.44 3.09 -0.35
C THR D 165 -16.15 2.33 -0.24
N ILE D 166 -16.26 1.04 0.00
CA ILE D 166 -15.07 0.19 0.24
C ILE D 166 -15.50 -1.24 0.14
N ASP D 167 -14.70 -2.05 -0.54
CA ASP D 167 -15.06 -3.48 -0.68
C ASP D 167 -14.47 -4.15 0.57
N SER D 168 -15.19 -4.04 1.67
CA SER D 168 -14.73 -4.54 2.92
C SER D 168 -15.87 -4.76 3.90
N VAL D 169 -16.18 -6.03 4.16
CA VAL D 169 -17.17 -6.33 5.15
C VAL D 169 -16.74 -5.82 6.52
N ALA D 170 -15.46 -6.04 6.88
CA ALA D 170 -14.95 -5.55 8.19
C ALA D 170 -15.16 -4.02 8.40
N HIS D 171 -14.89 -3.25 7.37
CA HIS D 171 -15.04 -1.81 7.48
C HIS D 171 -16.48 -1.43 7.73
N LEU D 172 -17.40 -2.00 6.93
CA LEU D 172 -18.83 -1.76 7.18
C LEU D 172 -19.24 -2.17 8.60
N ARG D 173 -18.85 -3.40 8.96
CA ARG D 173 -19.32 -3.95 10.21
C ARG D 173 -18.80 -3.02 11.34
N SER D 174 -17.52 -2.64 11.28
CA SER D 174 -16.89 -1.83 12.28
C SER D 174 -17.49 -0.36 12.35
N MET D 175 -17.83 0.22 11.18
CA MET D 175 -18.46 1.52 11.11
C MET D 175 -19.79 1.41 11.83
N ILE D 176 -20.54 0.36 11.55
CA ILE D 176 -21.81 0.21 12.19
C ILE D 176 -21.67 0.04 13.73
N HIS D 177 -20.86 -0.92 14.18
N HIS D 177 -20.84 -0.92 14.17
CA HIS D 177 -20.75 -1.15 15.63
CA HIS D 177 -20.70 -1.18 15.62
C HIS D 177 -20.21 0.09 16.40
C HIS D 177 -20.22 0.09 16.38
N THR D 178 -19.25 0.80 15.81
CA THR D 178 -18.58 1.87 16.49
C THR D 178 -19.46 3.14 16.45
N VAL D 179 -19.99 3.49 15.29
CA VAL D 179 -20.68 4.76 15.21
C VAL D 179 -22.13 4.59 15.63
N LYS D 180 -22.82 3.60 15.08
CA LYS D 180 -24.21 3.42 15.43
C LYS D 180 -24.36 2.95 16.84
N GLY D 181 -23.31 2.35 17.41
CA GLY D 181 -23.39 1.96 18.81
C GLY D 181 -23.41 3.19 19.73
N ALA D 182 -22.65 4.24 19.42
CA ALA D 182 -22.74 5.50 20.18
C ALA D 182 -23.95 6.36 19.74
N HIS D 183 -24.36 6.27 18.46
CA HIS D 183 -25.35 7.15 17.82
C HIS D 183 -26.33 6.31 17.00
N PRO D 184 -27.28 5.67 17.70
CA PRO D 184 -28.21 4.71 17.06
C PRO D 184 -28.91 5.19 15.79
N HIS D 185 -29.17 6.50 15.66
CA HIS D 185 -29.78 7.05 14.41
C HIS D 185 -28.78 7.64 13.37
N PHE D 186 -27.48 7.41 13.61
CA PHE D 186 -26.49 7.74 12.60
C PHE D 186 -26.66 6.79 11.37
N THR D 187 -26.69 7.34 10.16
CA THR D 187 -26.99 6.51 9.01
C THR D 187 -25.73 5.89 8.40
N VAL D 188 -25.68 4.57 8.30
CA VAL D 188 -24.58 3.95 7.49
C VAL D 188 -25.04 3.44 6.12
N LEU D 189 -24.54 4.05 5.07
CA LEU D 189 -24.84 3.53 3.70
C LEU D 189 -23.57 2.96 3.02
N CYS D 190 -23.68 1.83 2.30
CA CYS D 190 -22.51 1.35 1.58
C CYS D 190 -22.53 1.98 0.21
N GLY D 191 -21.35 2.19 -0.40
CA GLY D 191 -21.25 2.79 -1.72
C GLY D 191 -21.12 1.74 -2.87
N TYR D 192 -20.99 0.45 -2.54
CA TYR D 192 -20.92 -0.62 -3.57
C TYR D 192 -22.20 -1.44 -3.58
N ASP D 193 -22.66 -1.74 -4.79
CA ASP D 193 -23.87 -2.52 -5.00
C ASP D 193 -23.90 -3.84 -4.26
N ASP D 194 -22.75 -4.51 -4.22
CA ASP D 194 -22.72 -5.90 -3.81
C ASP D 194 -22.52 -5.98 -2.29
N HIS D 195 -22.54 -4.83 -1.61
CA HIS D 195 -22.53 -4.79 -0.15
C HIS D 195 -23.85 -4.40 0.49
N LEU D 196 -24.87 -4.10 -0.32
CA LEU D 196 -26.19 -3.68 0.16
C LEU D 196 -26.77 -4.67 1.16
N PHE D 197 -26.81 -5.92 0.78
CA PHE D 197 -27.44 -6.96 1.55
C PHE D 197 -26.74 -7.17 2.91
N ASN D 198 -25.41 -7.17 2.88
CA ASN D 198 -24.63 -7.39 4.04
C ASN D 198 -24.78 -6.21 4.95
N THR D 199 -24.81 -5.02 4.35
CA THR D 199 -25.03 -3.75 5.06
C THR D 199 -26.32 -3.82 5.88
N LEU D 200 -27.39 -4.29 5.24
CA LEU D 200 -28.66 -4.48 5.89
C LEU D 200 -28.54 -5.51 7.01
N LEU D 201 -27.96 -6.68 6.75
CA LEU D 201 -27.86 -7.67 7.80
C LEU D 201 -26.94 -7.31 8.96
N LEU D 202 -25.98 -6.43 8.70
CA LEU D 202 -25.10 -5.96 9.75
C LEU D 202 -25.76 -4.89 10.68
N GLY D 203 -26.94 -4.35 10.31
CA GLY D 203 -27.58 -3.23 11.04
C GLY D 203 -27.47 -1.86 10.36
N GLY D 204 -26.96 -1.82 9.12
CA GLY D 204 -26.89 -0.57 8.38
C GLY D 204 -28.16 -0.16 7.70
N ASP D 205 -28.10 0.87 6.88
CA ASP D 205 -29.32 1.55 6.45
C ASP D 205 -29.65 1.60 4.96
N GLY D 206 -28.75 1.17 4.10
CA GLY D 206 -29.04 1.12 2.66
C GLY D 206 -27.79 1.33 1.85
N ALA D 207 -27.97 1.89 0.65
CA ALA D 207 -26.88 2.03 -0.29
C ALA D 207 -27.01 3.23 -1.18
N ILE D 208 -25.88 3.83 -1.46
CA ILE D 208 -25.75 4.79 -2.54
C ILE D 208 -24.77 4.12 -3.52
N SER D 209 -25.30 3.44 -4.53
CA SER D 209 -24.46 2.72 -5.48
C SER D 209 -24.88 2.88 -6.94
N ALA D 210 -23.89 2.83 -7.85
CA ALA D 210 -24.06 3.13 -9.28
C ALA D 210 -25.21 2.41 -9.99
N SER D 211 -25.53 1.20 -9.61
CA SER D 211 -26.58 0.48 -10.33
C SER D 211 -27.97 1.06 -10.02
N GLY D 212 -28.02 1.95 -9.04
CA GLY D 212 -29.19 2.75 -8.81
C GLY D 212 -29.60 3.55 -10.03
N ASN D 213 -28.67 3.92 -10.91
CA ASN D 213 -29.00 4.64 -12.15
C ASN D 213 -29.74 3.84 -13.21
N PHE D 214 -29.37 2.56 -13.41
CA PHE D 214 -29.86 1.82 -14.57
C PHE D 214 -30.70 0.62 -14.20
N ALA D 215 -30.60 0.12 -12.97
CA ALA D 215 -31.45 -0.95 -12.44
C ALA D 215 -31.88 -0.65 -10.98
N PRO D 216 -32.48 0.53 -10.72
CA PRO D 216 -32.86 0.86 -9.30
C PRO D 216 -33.80 -0.19 -8.68
N GLN D 217 -34.55 -0.88 -9.55
CA GLN D 217 -35.61 -1.77 -9.08
C GLN D 217 -35.00 -2.91 -8.29
N VAL D 218 -33.74 -3.25 -8.57
CA VAL D 218 -33.14 -4.40 -7.90
C VAL D 218 -32.86 -4.08 -6.42
N SER D 219 -32.22 -2.94 -6.20
CA SER D 219 -31.99 -2.39 -4.88
C SER D 219 -33.30 -2.07 -4.17
N VAL D 220 -34.18 -1.30 -4.83
CA VAL D 220 -35.47 -0.97 -4.25
C VAL D 220 -36.26 -2.24 -3.83
N ASN D 221 -36.26 -3.27 -4.66
CA ASN D 221 -37.02 -4.48 -4.32
C ASN D 221 -36.31 -5.26 -3.22
N LEU D 222 -34.97 -5.18 -3.21
CA LEU D 222 -34.21 -5.89 -2.21
C LEU D 222 -34.60 -5.25 -0.85
N LEU D 223 -34.51 -3.93 -0.77
CA LEU D 223 -34.88 -3.23 0.48
C LEU D 223 -36.33 -3.51 0.92
N LYS D 224 -37.25 -3.41 -0.03
CA LYS D 224 -38.68 -3.74 0.22
C LYS D 224 -38.82 -5.16 0.77
N ALA D 225 -38.29 -6.18 0.08
CA ALA D 225 -38.29 -7.57 0.57
C ALA D 225 -37.67 -7.74 1.98
N TRP D 226 -36.52 -7.12 2.20
CA TRP D 226 -35.92 -7.15 3.52
C TRP D 226 -36.84 -6.52 4.59
N ARG D 227 -37.37 -5.33 4.32
CA ARG D 227 -38.26 -4.63 5.27
C ARG D 227 -39.51 -5.51 5.58
N ASP D 228 -39.96 -6.30 4.60
CA ASP D 228 -41.12 -7.19 4.77
C ASP D 228 -40.79 -8.49 5.49
N GLY D 229 -39.52 -8.77 5.78
CA GLY D 229 -39.14 -10.05 6.38
C GLY D 229 -39.07 -11.22 5.39
N ASP D 230 -39.10 -10.93 4.08
CA ASP D 230 -38.91 -11.96 3.09
C ASP D 230 -37.42 -12.02 2.71
N VAL D 231 -36.66 -12.71 3.54
CA VAL D 231 -35.20 -12.66 3.42
C VAL D 231 -34.70 -13.39 2.17
N ALA D 232 -35.37 -14.47 1.81
CA ALA D 232 -35.00 -15.23 0.64
C ALA D 232 -35.23 -14.43 -0.61
N LYS D 233 -36.25 -13.59 -0.63
CA LYS D 233 -36.48 -12.79 -1.82
C LYS D 233 -35.38 -11.71 -1.87
N ALA D 234 -35.04 -11.14 -0.72
CA ALA D 234 -33.95 -10.16 -0.67
C ALA D 234 -32.64 -10.77 -1.21
N ALA D 235 -32.34 -11.99 -0.78
CA ALA D 235 -31.13 -12.69 -1.17
C ALA D 235 -31.09 -12.98 -2.66
N GLY D 236 -32.27 -13.26 -3.25
CA GLY D 236 -32.42 -13.34 -4.70
C GLY D 236 -31.94 -12.10 -5.42
N TYR D 237 -32.45 -10.92 -5.05
CA TYR D 237 -31.97 -9.67 -5.59
C TYR D 237 -30.47 -9.42 -5.31
N HIS D 238 -30.00 -9.86 -4.14
CA HIS D 238 -28.57 -9.77 -3.79
C HIS D 238 -27.74 -10.55 -4.82
N GLN D 239 -28.24 -11.72 -5.23
CA GLN D 239 -27.49 -12.52 -6.20
C GLN D 239 -27.22 -11.75 -7.49
N THR D 240 -28.15 -10.91 -7.92
CA THR D 240 -27.96 -10.07 -9.11
C THR D 240 -26.93 -8.97 -8.83
N LEU D 241 -27.09 -8.33 -7.66
CA LEU D 241 -26.18 -7.26 -7.25
C LEU D 241 -24.73 -7.69 -7.10
N LEU D 242 -24.52 -8.92 -6.58
CA LEU D 242 -23.18 -9.55 -6.54
C LEU D 242 -22.46 -9.58 -7.89
N GLN D 243 -23.23 -9.70 -8.96
CA GLN D 243 -22.67 -9.79 -10.29
C GLN D 243 -22.50 -8.46 -10.97
N ILE D 244 -23.34 -7.47 -10.64
CA ILE D 244 -23.33 -6.21 -11.40
C ILE D 244 -21.93 -5.55 -11.47
N PRO D 245 -21.18 -5.57 -10.35
CA PRO D 245 -19.98 -4.73 -10.39
C PRO D 245 -18.87 -5.21 -11.34
N GLN D 246 -19.02 -6.38 -11.93
CA GLN D 246 -18.18 -6.76 -13.07
C GLN D 246 -18.07 -5.64 -14.13
N MET D 247 -19.15 -4.89 -14.34
CA MET D 247 -19.15 -3.98 -15.45
C MET D 247 -18.21 -2.83 -15.18
N TYR D 248 -17.98 -2.53 -13.91
CA TYR D 248 -17.14 -1.41 -13.54
C TYR D 248 -15.69 -1.54 -13.97
N GLN D 249 -15.24 -2.77 -14.18
CA GLN D 249 -13.90 -3.03 -14.68
C GLN D 249 -13.73 -2.61 -16.15
N LEU D 250 -14.82 -2.25 -16.85
CA LEU D 250 -14.70 -1.97 -18.29
C LEU D 250 -13.84 -0.78 -18.61
N ASP D 251 -13.82 0.19 -17.71
CA ASP D 251 -13.12 1.43 -17.95
C ASP D 251 -12.83 2.10 -16.61
N THR D 252 -11.84 2.93 -16.57
CA THR D 252 -11.69 3.77 -15.44
C THR D 252 -11.29 5.21 -15.86
N PRO D 253 -12.10 6.24 -15.44
CA PRO D 253 -13.31 6.20 -14.63
C PRO D 253 -14.39 5.43 -15.38
N PHE D 254 -15.35 4.86 -14.68
CA PHE D 254 -16.39 4.06 -15.34
C PHE D 254 -17.69 4.78 -15.38
N VAL D 255 -17.65 6.10 -15.23
CA VAL D 255 -18.86 6.90 -15.34
C VAL D 255 -19.45 6.75 -16.79
N ASN D 256 -18.61 6.55 -17.78
CA ASN D 256 -19.12 6.21 -19.11
C ASN D 256 -19.93 4.92 -19.13
N VAL D 257 -19.47 3.89 -18.40
CA VAL D 257 -20.12 2.58 -18.34
C VAL D 257 -21.52 2.71 -17.78
N ILE D 258 -21.62 3.50 -16.71
CA ILE D 258 -22.90 3.70 -16.05
C ILE D 258 -23.91 4.33 -17.02
N LYS D 259 -23.47 5.34 -17.73
CA LYS D 259 -24.37 5.99 -18.72
C LYS D 259 -24.73 5.07 -19.90
N GLU D 260 -23.75 4.26 -20.35
CA GLU D 260 -24.02 3.29 -21.43
C GLU D 260 -25.06 2.29 -20.95
N ALA D 261 -24.99 1.95 -19.65
CA ALA D 261 -25.97 1.02 -19.09
C ALA D 261 -27.37 1.65 -18.98
N ILE D 262 -27.44 2.96 -18.69
CA ILE D 262 -28.73 3.62 -18.56
C ILE D 262 -29.38 3.48 -19.92
N VAL D 263 -28.64 3.76 -20.98
CA VAL D 263 -29.19 3.61 -22.35
C VAL D 263 -29.68 2.19 -22.69
N LEU D 264 -28.85 1.20 -22.40
CA LEU D 264 -29.17 -0.18 -22.62
C LEU D 264 -30.37 -0.68 -21.84
N CYS D 265 -30.61 -0.12 -20.66
CA CYS D 265 -31.72 -0.55 -19.83
C CYS D 265 -33.03 0.22 -20.18
N GLY D 266 -32.96 1.07 -21.21
CA GLY D 266 -34.13 1.60 -21.83
C GLY D 266 -34.37 3.09 -21.71
N ARG D 267 -33.35 3.87 -21.32
CA ARG D 267 -33.51 5.32 -21.20
C ARG D 267 -32.52 6.01 -22.11
N PRO D 268 -32.97 6.46 -23.30
CA PRO D 268 -31.97 6.95 -24.27
C PRO D 268 -31.44 8.32 -23.96
N VAL D 269 -30.33 8.38 -23.26
CA VAL D 269 -29.75 9.66 -22.93
C VAL D 269 -28.44 9.79 -23.67
N SER D 270 -28.04 11.01 -23.98
CA SER D 270 -26.67 11.22 -24.30
C SER D 270 -25.73 10.63 -23.24
N THR D 271 -24.71 9.91 -23.73
CA THR D 271 -23.72 9.25 -22.86
C THR D 271 -22.44 10.09 -22.75
N HIS D 272 -22.39 11.32 -23.31
CA HIS D 272 -21.13 12.11 -23.20
C HIS D 272 -20.60 12.14 -21.72
N VAL D 273 -19.26 12.12 -21.54
CA VAL D 273 -18.65 12.19 -20.20
C VAL D 273 -17.57 13.19 -20.31
N LEU D 274 -17.15 13.77 -19.16
CA LEU D 274 -16.16 14.85 -19.20
C LEU D 274 -14.77 14.28 -19.12
N PRO D 275 -13.82 14.94 -19.80
CA PRO D 275 -12.45 14.50 -19.61
C PRO D 275 -11.97 14.66 -18.17
N PRO D 276 -11.04 13.78 -17.68
CA PRO D 276 -10.27 12.77 -18.45
C PRO D 276 -10.97 11.43 -18.63
N ALA D 277 -12.26 11.30 -18.30
CA ALA D 277 -12.98 10.14 -18.80
C ALA D 277 -13.19 10.29 -20.33
N SER D 278 -13.53 9.18 -20.99
CA SER D 278 -13.65 9.16 -22.45
C SER D 278 -14.78 8.22 -22.83
N PRO D 279 -15.36 8.37 -24.04
CA PRO D 279 -16.43 7.43 -24.53
C PRO D 279 -16.00 5.94 -24.47
N LEU D 280 -16.92 5.07 -24.07
CA LEU D 280 -16.65 3.65 -24.09
C LEU D 280 -16.60 3.15 -25.55
N ASP D 281 -15.58 2.40 -25.94
CA ASP D 281 -15.52 1.79 -27.28
C ASP D 281 -16.63 0.77 -27.53
N GLU D 282 -16.96 0.54 -28.80
CA GLU D 282 -18.05 -0.42 -29.16
C GLU D 282 -17.86 -1.85 -28.65
N PRO D 283 -16.62 -2.41 -28.74
CA PRO D 283 -16.54 -3.77 -28.20
C PRO D 283 -16.92 -3.82 -26.69
N ARG D 284 -16.49 -2.83 -25.92
CA ARG D 284 -16.85 -2.84 -24.51
C ARG D 284 -18.34 -2.54 -24.26
N LYS D 285 -18.97 -1.73 -25.12
CA LYS D 285 -20.40 -1.51 -25.03
C LYS D 285 -21.19 -2.82 -25.24
N ALA D 286 -20.73 -3.63 -26.22
CA ALA D 286 -21.36 -4.90 -26.49
C ALA D 286 -21.13 -5.82 -25.30
N GLN D 287 -19.94 -5.73 -24.67
CA GLN D 287 -19.63 -6.56 -23.50
C GLN D 287 -20.61 -6.24 -22.34
N LEU D 288 -20.79 -4.95 -22.10
CA LEU D 288 -21.73 -4.49 -21.11
C LEU D 288 -23.12 -5.05 -21.41
N LYS D 289 -23.54 -4.87 -22.66
CA LYS D 289 -24.83 -5.35 -23.10
C LYS D 289 -24.98 -6.82 -22.77
N THR D 290 -23.95 -7.64 -23.01
CA THR D 290 -24.16 -9.08 -22.73
C THR D 290 -24.24 -9.36 -21.23
N LEU D 291 -23.44 -8.64 -20.47
CA LEU D 291 -23.59 -8.71 -19.04
C LEU D 291 -25.01 -8.29 -18.56
N LEU D 292 -25.53 -7.17 -19.08
CA LEU D 292 -26.93 -6.79 -18.71
C LEU D 292 -27.97 -7.85 -19.09
N GLN D 293 -27.80 -8.48 -20.26
CA GLN D 293 -28.75 -9.49 -20.75
C GLN D 293 -28.68 -10.73 -19.86
N GLN D 294 -27.46 -11.17 -19.55
CA GLN D 294 -27.32 -12.34 -18.68
C GLN D 294 -27.98 -12.12 -17.34
N LEU D 295 -28.08 -10.87 -16.91
CA LEU D 295 -28.63 -10.60 -15.57
C LEU D 295 -30.09 -10.26 -15.66
N LYS D 296 -30.62 -10.29 -16.89
CA LYS D 296 -32.03 -10.02 -17.18
C LYS D 296 -32.42 -8.58 -16.86
N LEU D 297 -31.51 -7.64 -17.09
CA LEU D 297 -31.74 -6.23 -16.79
C LEU D 297 -32.08 -5.37 -18.03
N CYS D 298 -31.90 -5.94 -19.21
CA CYS D 298 -32.42 -5.35 -20.46
C CYS D 298 -32.88 -6.41 -21.47
#